data_7JTP
#
_entry.id   7JTP
#
_cell.length_a   63.831
_cell.length_b   98.611
_cell.length_c   127.629
_cell.angle_alpha   90.000
_cell.angle_beta   90.000
_cell.angle_gamma   90.000
#
_symmetry.space_group_name_H-M   'P 21 21 21'
#
loop_
_entity.id
_entity.type
_entity.pdbx_description
1 polymer Elongin-B
2 polymer Elongin-C
3 polymer 'von Hippel-Lindau disease tumor suppressor'
4 polymer 'WD repeat-containing protein 5'
5 non-polymer GLYCEROL
6 non-polymer "N-(6-fluoro-3'-{[6-oxo-4-(trifluoromethyl)-1,6-dihydropyridine-3-carbonyl]amino}-4'-[(3R,5S)-3,4,5-trimethylpiperazin-1-yl][1,1'-biphenyl]-3-carbonyl)glycyl-3-methyl-L-valyl-(4R)-4-hydroxy-N-{(1S)-1-[4-(4-methyl-1,3-thiazol-5-yl)phenyl]ethyl}-L-prolinamide"
7 water water
#
loop_
_entity_poly.entity_id
_entity_poly.type
_entity_poly.pdbx_seq_one_letter_code
_entity_poly.pdbx_strand_id
1 'polypeptide(L)'
;MDVFLMIRRHKTTIFTDAKESSTVFELKRIVEGILKRPPDEQRLYKDDQLLDDGKTLGECGFTSQTARPQAPATVGLAFR
ADDTFEALCIEPFSSPPELPDVMK
;
J
2 'polypeptide(L)'
;MMYVKLISSDGHEFIVKREHALTSGTIKAMLSGPGQFAENETNEVNFREIPSHVLSKVCMYFTYKVRYTNSSTEIPEFPI
APEIALELLMAANFLDC
;
K
3 'polypeptide(L)'
;GSMEAGRPRPVLRSVNSREPSQVIFCNRSPRVVLPVWLNFDGEPQPYPTLPPGTGRRIHSYRGHLWLFRDAGTHDGLLVN
QTELFVPSLNVDGQPIFANITLPVYTLKERCLQVVRSLVKPENYRRLDIVRSLYEDLEDHPNVQKDLERLTQERIAHQRM
GD
;
L
4 'polypeptide(L)'
;EFHMVKPNYALKFTLAGHTKAVSSVKFSPNGEWLASSSADKLIKIWGAYDGKFEKTISGHKLGISDVAWSSDSNLLVSAS
DDKTLKIWDVSSGKCLKTLKGHSNYVFCCNFNPQSNLIVSGSFDESVRIWDVKTGKCLKTLPAHSDPVSAVHFNRDGSLI
VSSSYDGLCRIWDTASGQCLKTLIDDDNPPVSFVKFSPNGKYILAATLDNTLKLWDYSKGKCLKTYTGHKNEKYCIFANF
SVTGGKWIVSGSEDNLVYIWNLQTKEIVQKLQGHTDVVISTACHPTENIIASAALENDKTIKLWKSDC
;
A
#
loop_
_chem_comp.id
_chem_comp.type
_chem_comp.name
_chem_comp.formula
GOL non-polymer GLYCEROL 'C3 H8 O3'
X6M non-polymer N-(6-fluoro-3'-{[6-oxo-4-(trifluoromethyl)-1,6-dihydropyridine-3-carbonyl]amino}-4'-[(3R,5S)-3,4,5-trimethylpiperazin-1-yl][1,1'-biphenyl]-3-carbonyl)glycyl-3-methyl-L-valyl-(4R)-4-hydroxy-N-{(1S)-1-[4-(4-methyl-1,3-thiazol-5-yl)phenyl]ethyl}-L-prolinamide 'C52 H59 F4 N9 O7 S'
#
# COMPACT_ATOMS: atom_id res chain seq x y z
N MET A 1 8.65 31.54 8.62
CA MET A 1 9.61 30.50 8.33
C MET A 1 10.86 30.61 9.20
N ASP A 2 11.28 29.49 9.79
CA ASP A 2 12.47 29.49 10.62
C ASP A 2 13.71 29.11 9.81
N VAL A 3 14.80 29.81 10.06
CA VAL A 3 16.10 29.41 9.58
C VAL A 3 16.91 28.98 10.81
N PHE A 4 17.87 28.10 10.58
CA PHE A 4 18.68 27.54 11.66
C PHE A 4 20.15 27.79 11.36
N LEU A 5 20.86 28.39 12.32
CA LEU A 5 22.14 29.05 12.08
C LEU A 5 23.20 28.57 13.06
N MET A 6 24.46 28.71 12.62
CA MET A 6 25.64 28.66 13.48
C MET A 6 26.36 29.98 13.31
N ILE A 7 26.41 30.80 14.36
CA ILE A 7 27.15 32.05 14.30
C ILE A 7 28.55 31.78 14.87
N ARG A 8 29.57 32.00 14.07
CA ARG A 8 30.90 31.49 14.41
C ARG A 8 31.93 32.61 14.37
N ARG A 9 32.77 32.67 15.40
CA ARG A 9 33.95 33.52 15.45
C ARG A 9 35.02 32.80 16.25
N HIS A 10 36.24 32.74 15.70
CA HIS A 10 37.37 32.07 16.35
C HIS A 10 37.00 30.65 16.74
N LYS A 11 36.93 30.35 18.04
CA LYS A 11 36.55 29.03 18.53
C LYS A 11 35.20 29.04 19.24
N THR A 12 34.35 30.00 18.88
CA THR A 12 33.01 30.15 19.42
C THR A 12 31.97 29.84 18.33
N THR A 13 30.96 29.04 18.68
CA THR A 13 29.84 28.74 17.79
C THR A 13 28.55 28.88 18.58
N ILE A 14 27.69 29.79 18.14
CA ILE A 14 26.35 29.93 18.71
C ILE A 14 25.35 29.21 17.82
N PHE A 15 24.59 28.29 18.40
CA PHE A 15 23.46 27.67 17.71
C PHE A 15 22.20 28.48 18.00
N THR A 16 21.57 29.02 16.95
CA THR A 16 20.31 29.71 17.16
C THR A 16 19.44 29.59 15.91
N ASP A 17 18.14 29.75 16.11
CA ASP A 17 17.23 29.94 14.99
C ASP A 17 16.73 31.37 14.95
N ALA A 18 16.11 31.71 13.83
CA ALA A 18 15.61 33.05 13.58
C ALA A 18 14.58 32.95 12.47
N LYS A 19 13.78 34.00 12.32
CA LYS A 19 12.83 34.05 11.23
C LYS A 19 13.52 34.54 9.96
N GLU A 20 13.12 33.94 8.84
CA GLU A 20 13.56 34.39 7.53
C GLU A 20 13.34 35.89 7.34
N SER A 21 12.27 36.41 7.91
CA SER A 21 11.92 37.82 7.76
C SER A 21 12.57 38.73 8.81
N SER A 22 13.30 38.16 9.77
CA SER A 22 14.00 39.00 10.74
C SER A 22 15.25 39.60 10.12
N THR A 23 15.77 40.67 10.75
CA THR A 23 16.86 41.45 10.16
C THR A 23 18.22 41.04 10.70
N VAL A 24 19.24 41.36 9.92
CA VAL A 24 20.62 41.24 10.38
C VAL A 24 20.80 41.97 11.71
N PHE A 25 20.25 43.18 11.84
CA PHE A 25 20.39 43.91 13.10
C PHE A 25 19.83 43.12 14.26
N GLU A 26 18.67 42.49 14.07
CA GLU A 26 18.07 41.69 15.14
C GLU A 26 18.95 40.50 15.50
N LEU A 27 19.64 39.92 14.51
CA LEU A 27 20.57 38.83 14.80
C LEU A 27 21.76 39.32 15.64
N LYS A 28 22.26 40.53 15.36
CA LYS A 28 23.31 41.10 16.21
C LYS A 28 22.83 41.27 17.64
N ARG A 29 21.55 41.59 17.85
CA ARG A 29 21.01 41.68 19.19
C ARG A 29 21.07 40.34 19.91
N ILE A 30 20.79 39.25 19.18
CA ILE A 30 20.98 37.91 19.75
C ILE A 30 22.43 37.73 20.17
N VAL A 31 23.37 38.09 19.29
CA VAL A 31 24.79 37.92 19.61
C VAL A 31 25.14 38.77 20.83
N GLU A 32 24.68 40.02 20.84
CA GLU A 32 24.95 40.93 21.95
C GLU A 32 24.50 40.33 23.28
N GLY A 33 23.30 39.75 23.31
CA GLY A 33 22.80 39.17 24.54
C GLY A 33 23.69 38.07 25.09
N ILE A 34 24.49 37.45 24.24
CA ILE A 34 25.32 36.32 24.60
C ILE A 34 26.78 36.74 24.80
N LEU A 35 27.31 37.56 23.87
CA LEU A 35 28.73 37.88 23.85
C LEU A 35 29.02 39.35 24.17
N LYS A 36 28.04 40.06 24.75
CA LYS A 36 28.18 41.40 25.33
C LYS A 36 28.33 42.54 24.31
N ARG A 37 28.99 42.29 23.19
CA ARG A 37 29.35 43.40 22.29
C ARG A 37 28.10 43.97 21.61
N PRO A 38 27.95 45.29 21.60
CA PRO A 38 26.78 45.93 20.96
C PRO A 38 26.79 45.71 19.45
N PRO A 39 25.60 45.80 18.82
CA PRO A 39 25.52 45.67 17.35
C PRO A 39 26.54 46.52 16.58
N ASP A 40 26.79 47.76 17.01
CA ASP A 40 27.73 48.63 16.30
C ASP A 40 29.14 48.09 16.34
N GLU A 41 29.45 47.16 17.26
CA GLU A 41 30.79 46.58 17.33
C GLU A 41 30.83 45.20 16.67
N GLN A 42 29.82 44.84 15.89
CA GLN A 42 29.77 43.53 15.24
C GLN A 42 29.72 43.67 13.73
N ARG A 43 30.34 42.71 13.04
CA ARG A 43 30.17 42.52 11.61
C ARG A 43 29.77 41.08 11.35
N LEU A 44 28.61 40.88 10.73
CA LEU A 44 28.10 39.57 10.37
C LEU A 44 28.32 39.31 8.87
N TYR A 45 28.54 38.05 8.54
CA TYR A 45 28.96 37.66 7.20
C TYR A 45 28.21 36.42 6.73
N LYS A 46 27.92 36.35 5.43
CA LYS A 46 27.64 35.09 4.76
C LYS A 46 28.82 34.83 3.83
N ASP A 47 29.53 33.72 4.10
CA ASP A 47 30.86 33.52 3.52
C ASP A 47 31.69 34.78 3.67
N ASP A 48 32.09 35.39 2.56
CA ASP A 48 32.90 36.60 2.57
C ASP A 48 32.08 37.85 2.34
N GLN A 49 30.76 37.76 2.46
CA GLN A 49 29.87 38.87 2.15
C GLN A 49 29.44 39.55 3.44
N LEU A 50 29.78 40.83 3.58
CA LEU A 50 29.35 41.63 4.71
C LEU A 50 27.86 41.91 4.61
N LEU A 51 27.11 41.58 5.66
CA LEU A 51 25.66 41.69 5.65
C LEU A 51 25.25 43.04 6.23
N ASP A 52 24.33 43.71 5.56
N ASP A 52 24.31 43.70 5.57
CA ASP A 52 23.84 45.00 6.02
CA ASP A 52 23.85 45.01 6.02
C ASP A 52 22.79 44.82 7.10
C ASP A 52 22.78 44.84 7.09
N ASP A 53 22.84 45.70 8.12
CA ASP A 53 21.92 45.63 9.27
C ASP A 53 20.45 45.52 8.86
N GLY A 54 20.04 46.25 7.83
CA GLY A 54 18.64 46.37 7.52
C GLY A 54 18.07 45.27 6.63
N LYS A 55 18.92 44.45 6.04
CA LYS A 55 18.44 43.32 5.24
C LYS A 55 17.86 42.24 6.14
N THR A 56 16.86 41.53 5.61
CA THR A 56 16.37 40.34 6.27
C THR A 56 17.31 39.17 6.02
N LEU A 57 17.21 38.16 6.88
CA LEU A 57 18.01 36.96 6.69
C LEU A 57 17.67 36.28 5.37
N GLY A 58 16.38 36.21 5.02
CA GLY A 58 16.01 35.71 3.71
C GLY A 58 16.75 36.42 2.59
N GLU A 59 16.75 37.76 2.64
CA GLU A 59 17.40 38.57 1.62
C GLU A 59 18.92 38.36 1.56
N CYS A 60 19.55 37.90 2.64
CA CYS A 60 20.97 37.58 2.61
C CYS A 60 21.24 36.18 2.07
N GLY A 61 20.22 35.34 1.89
CA GLY A 61 20.41 33.99 1.40
C GLY A 61 20.20 32.89 2.42
N PHE A 62 19.68 33.20 3.60
CA PHE A 62 19.36 32.20 4.61
C PHE A 62 17.87 31.89 4.49
N THR A 63 17.53 30.67 4.10
CA THR A 63 16.15 30.25 3.93
C THR A 63 15.92 28.93 4.63
N SER A 64 14.64 28.60 4.81
CA SER A 64 14.25 27.32 5.40
C SER A 64 14.93 26.14 4.71
N GLN A 65 15.17 26.23 3.40
CA GLN A 65 15.77 25.11 2.68
C GLN A 65 17.29 25.04 2.85
N THR A 66 17.95 26.19 2.97
CA THR A 66 19.41 26.26 3.03
C THR A 66 19.95 26.26 4.45
N ALA A 67 19.07 26.40 5.46
CA ALA A 67 19.46 26.59 6.86
C ALA A 67 18.53 25.72 7.70
N ARG A 68 18.87 24.42 7.79
CA ARG A 68 17.99 23.44 8.40
C ARG A 68 18.49 23.06 9.78
N PRO A 69 17.61 22.56 10.66
CA PRO A 69 18.07 22.21 12.02
C PRO A 69 19.19 21.18 12.04
N GLN A 70 19.14 20.20 11.13
CA GLN A 70 20.15 19.14 11.11
C GLN A 70 21.36 19.53 10.27
N ALA A 71 21.31 20.71 9.66
CA ALA A 71 22.40 21.18 8.79
C ALA A 71 22.32 22.70 8.74
N PRO A 72 22.61 23.38 9.86
CA PRO A 72 22.42 24.82 9.92
C PRO A 72 23.41 25.56 9.02
N ALA A 73 23.04 26.79 8.66
CA ALA A 73 23.88 27.65 7.84
C ALA A 73 24.81 28.47 8.73
N THR A 74 26.01 28.76 8.23
CA THR A 74 27.03 29.47 8.99
C THR A 74 26.95 30.98 8.77
N VAL A 75 26.97 31.74 9.87
CA VAL A 75 27.12 33.20 9.80
C VAL A 75 28.47 33.52 10.45
N GLY A 76 29.34 34.20 9.71
CA GLY A 76 30.62 34.64 10.28
C GLY A 76 30.45 35.91 11.11
N LEU A 77 31.24 36.02 12.19
CA LEU A 77 31.12 37.14 13.11
C LEU A 77 32.49 37.73 13.39
N ALA A 78 32.62 39.05 13.24
CA ALA A 78 33.86 39.76 13.59
C ALA A 78 33.55 40.95 14.50
N PHE A 79 34.41 41.17 15.51
CA PHE A 79 34.24 42.23 16.50
C PHE A 79 35.15 43.41 16.18
N ARG A 80 34.71 44.60 16.62
CA ARG A 80 35.60 45.76 16.59
C ARG A 80 36.85 45.47 17.42
N ALA A 81 38.00 45.94 16.94
CA ALA A 81 39.27 45.84 17.67
C ALA A 81 39.96 47.20 17.60
N ASP A 82 39.79 48.02 18.64
CA ASP A 82 40.45 49.33 18.75
C ASP A 82 39.91 50.24 17.65
N ASP A 83 40.76 50.79 16.78
CA ASP A 83 40.31 51.70 15.73
C ASP A 83 39.57 51.00 14.59
N THR A 84 39.79 49.70 14.38
CA THR A 84 39.17 49.03 13.24
C THR A 84 38.58 47.69 13.69
N PHE A 85 38.14 46.89 12.71
CA PHE A 85 37.58 45.58 13.00
C PHE A 85 38.64 44.51 12.81
N GLU A 86 38.57 43.47 13.64
CA GLU A 86 39.39 42.31 13.36
C GLU A 86 38.97 41.68 12.03
N ALA A 87 39.89 40.92 11.45
CA ALA A 87 39.54 40.17 10.25
C ALA A 87 38.58 39.05 10.61
N LEU A 88 37.74 38.67 9.66
CA LEU A 88 36.91 37.48 9.86
C LEU A 88 37.83 36.28 10.02
N CYS A 89 37.63 35.50 11.08
CA CYS A 89 38.46 34.32 11.32
C CYS A 89 37.61 33.28 12.04
N ILE A 90 37.36 32.16 11.38
CA ILE A 90 36.63 31.03 11.94
C ILE A 90 37.60 29.86 12.03
N GLU A 91 37.80 29.35 13.23
CA GLU A 91 38.69 28.20 13.39
C GLU A 91 37.96 26.93 12.96
N PRO A 92 38.53 26.12 12.06
CA PRO A 92 37.89 24.86 11.69
C PRO A 92 37.73 23.93 12.88
N PHE A 93 36.69 23.10 12.82
CA PHE A 93 36.54 22.01 13.78
C PHE A 93 37.63 20.97 13.58
N SER A 94 37.76 20.09 14.58
CA SER A 94 38.72 18.99 14.53
C SER A 94 38.52 18.12 13.30
N SER A 95 39.59 17.44 12.90
CA SER A 95 39.49 16.59 11.71
C SER A 95 39.07 15.17 12.10
N PRO A 96 38.32 14.49 11.22
CA PRO A 96 37.87 13.13 11.53
C PRO A 96 38.96 12.11 11.23
N PRO A 97 39.05 11.03 12.01
CA PRO A 97 40.01 9.97 11.70
C PRO A 97 39.65 9.27 10.40
N GLU A 98 40.67 8.69 9.77
CA GLU A 98 40.45 7.87 8.58
C GLU A 98 39.48 6.73 8.88
N LEU A 99 38.76 6.29 7.88
CA LEU A 99 37.78 5.22 8.00
C LEU A 99 38.37 3.87 8.36
N PRO A 100 37.99 3.25 9.47
CA PRO A 100 38.55 1.93 9.77
C PRO A 100 38.31 0.94 8.65
N ASP A 101 39.01 -0.20 8.73
CA ASP A 101 39.01 -1.17 7.64
C ASP A 101 37.60 -1.64 7.31
N VAL A 102 36.74 -1.79 8.32
CA VAL A 102 35.39 -2.30 8.17
C VAL A 102 34.51 -1.46 7.23
N MET A 103 34.95 -0.26 6.86
CA MET A 103 34.13 0.65 6.05
C MET A 103 34.81 1.02 4.74
N MET B 2 19.24 30.60 30.14
CA MET B 2 18.74 30.54 28.77
C MET B 2 19.66 29.69 27.90
N TYR B 3 20.96 29.94 28.01
CA TYR B 3 21.97 29.24 27.24
C TYR B 3 22.96 28.54 28.16
N VAL B 4 23.58 27.48 27.62
CA VAL B 4 24.71 26.85 28.26
C VAL B 4 25.83 26.75 27.23
N LYS B 5 27.03 26.46 27.72
CA LYS B 5 28.22 26.38 26.90
C LYS B 5 28.78 24.98 27.04
N LEU B 6 28.85 24.26 25.92
CA LEU B 6 29.43 22.93 25.87
C LEU B 6 30.77 23.06 25.17
N ILE B 7 31.84 22.65 25.83
CA ILE B 7 33.19 22.85 25.35
C ILE B 7 33.75 21.50 24.94
N SER B 8 34.29 21.43 23.73
CA SER B 8 34.84 20.20 23.19
C SER B 8 36.22 19.94 23.77
N SER B 9 36.76 18.76 23.43
N SER B 9 36.77 18.77 23.43
CA SER B 9 38.10 18.39 23.86
CA SER B 9 38.11 18.42 23.88
C SER B 9 39.16 19.33 23.29
C SER B 9 39.16 19.36 23.29
N ASP B 10 38.97 19.82 22.07
CA ASP B 10 39.94 20.69 21.41
C ASP B 10 39.63 22.18 21.58
N GLY B 11 38.87 22.54 22.62
CA GLY B 11 38.71 23.93 23.01
C GLY B 11 37.59 24.69 22.33
N HIS B 12 36.93 24.13 21.32
CA HIS B 12 35.81 24.82 20.70
C HIS B 12 34.66 24.97 21.71
N GLU B 13 34.06 26.15 21.74
CA GLU B 13 32.98 26.46 22.67
C GLU B 13 31.68 26.55 21.89
N PHE B 14 30.74 25.67 22.21
CA PHE B 14 29.45 25.60 21.55
C PHE B 14 28.42 26.15 22.50
N ILE B 15 27.68 27.15 22.06
CA ILE B 15 26.70 27.82 22.88
C ILE B 15 25.32 27.47 22.34
N VAL B 16 24.51 26.81 23.17
CA VAL B 16 23.24 26.24 22.76
C VAL B 16 22.22 26.53 23.84
N LYS B 17 20.94 26.57 23.43
CA LYS B 17 19.87 26.80 24.38
C LYS B 17 19.88 25.69 25.43
N ARG B 18 19.69 26.07 26.68
CA ARG B 18 19.71 25.09 27.77
C ARG B 18 18.66 24.00 27.55
N GLU B 19 17.44 24.39 27.18
CA GLU B 19 16.40 23.42 26.87
C GLU B 19 16.88 22.40 25.83
N HIS B 20 17.64 22.88 24.84
CA HIS B 20 18.16 22.01 23.80
C HIS B 20 19.21 21.03 24.33
N ALA B 21 20.01 21.47 25.30
CA ALA B 21 21.06 20.64 25.87
C ALA B 21 20.46 19.54 26.76
N LEU B 22 19.34 19.82 27.42
CA LEU B 22 18.63 18.85 28.25
C LEU B 22 18.09 17.67 27.46
N THR B 23 18.24 17.70 26.13
CA THR B 23 17.95 16.51 25.32
C THR B 23 18.78 15.33 25.80
N SER B 24 20.03 15.58 26.20
CA SER B 24 20.89 14.53 26.73
C SER B 24 20.65 14.36 28.23
N GLY B 25 20.37 13.13 28.64
CA GLY B 25 20.13 12.87 30.05
C GLY B 25 21.36 13.11 30.90
N THR B 26 22.54 12.73 30.39
CA THR B 26 23.81 13.09 31.02
C THR B 26 23.87 14.58 31.35
N ILE B 27 23.71 15.41 30.31
CA ILE B 27 23.87 16.85 30.46
C ILE B 27 22.91 17.39 31.52
N LYS B 28 21.71 16.79 31.62
CA LYS B 28 20.80 17.14 32.71
C LYS B 28 21.46 16.94 34.06
N ALA B 29 22.09 15.78 34.27
CA ALA B 29 22.79 15.51 35.52
C ALA B 29 24.01 16.40 35.68
N MET B 30 24.89 16.42 34.66
CA MET B 30 26.09 17.27 34.69
C MET B 30 25.73 18.72 34.93
N LEU B 31 24.51 19.11 34.57
CA LEU B 31 24.04 20.43 34.86
C LEU B 31 22.80 20.30 35.74
N ASN B 43 25.93 28.78 32.35
CA ASN B 43 26.61 27.61 32.91
C ASN B 43 27.44 26.89 31.83
N GLU B 44 28.38 26.06 32.28
CA GLU B 44 29.41 25.52 31.43
C GLU B 44 29.61 24.04 31.73
N VAL B 45 29.99 23.28 30.70
CA VAL B 45 30.33 21.86 30.84
C VAL B 45 31.44 21.52 29.86
N ASN B 46 32.48 20.84 30.35
CA ASN B 46 33.59 20.39 29.53
C ASN B 46 33.42 18.92 29.16
N PHE B 47 33.76 18.58 27.93
CA PHE B 47 33.75 17.19 27.45
C PHE B 47 35.16 16.87 27.03
N ARG B 48 35.92 16.30 27.97
CA ARG B 48 37.34 16.02 27.74
C ARG B 48 37.58 15.00 26.64
N GLU B 49 36.58 14.16 26.30
CA GLU B 49 36.76 13.09 25.35
C GLU B 49 36.08 13.31 24.00
N ILE B 50 35.26 14.35 23.85
CA ILE B 50 34.48 14.54 22.63
C ILE B 50 35.07 15.71 21.86
N PRO B 51 35.65 15.48 20.68
CA PRO B 51 36.23 16.59 19.90
C PRO B 51 35.16 17.46 19.24
N SER B 52 35.59 18.52 18.54
CA SER B 52 34.64 19.52 18.08
C SER B 52 33.85 19.06 16.85
N HIS B 53 34.44 18.26 15.95
CA HIS B 53 33.70 17.75 14.80
C HIS B 53 32.63 16.73 15.20
N VAL B 54 32.60 16.33 16.47
CA VAL B 54 31.56 15.47 16.98
C VAL B 54 30.57 16.26 17.84
N LEU B 55 31.09 17.12 18.71
CA LEU B 55 30.20 17.93 19.56
C LEU B 55 29.32 18.86 18.73
N SER B 56 29.83 19.37 17.61
CA SER B 56 29.02 20.24 16.77
C SER B 56 27.85 19.48 16.18
N LYS B 57 28.09 18.23 15.77
CA LYS B 57 27.03 17.38 15.26
C LYS B 57 26.02 17.03 16.35
N VAL B 58 26.49 16.85 17.59
CA VAL B 58 25.59 16.59 18.70
C VAL B 58 24.65 17.77 18.91
N CYS B 59 25.19 19.00 18.78
CA CYS B 59 24.35 20.18 18.90
C CYS B 59 23.33 20.24 17.78
N MET B 60 23.73 19.90 16.56
CA MET B 60 22.76 19.82 15.47
C MET B 60 21.65 18.83 15.79
N TYR B 61 22.00 17.67 16.38
CA TYR B 61 20.96 16.73 16.77
C TYR B 61 20.02 17.34 17.80
N PHE B 62 20.55 18.10 18.75
CA PHE B 62 19.69 18.78 19.72
C PHE B 62 18.68 19.66 19.01
N THR B 63 19.16 20.49 18.06
CA THR B 63 18.26 21.34 17.29
C THR B 63 17.20 20.50 16.56
N TYR B 64 17.65 19.49 15.82
CA TYR B 64 16.77 18.61 15.05
C TYR B 64 15.71 17.96 15.92
N LYS B 65 16.15 17.39 17.04
CA LYS B 65 15.25 16.71 17.96
C LYS B 65 14.13 17.60 18.51
N VAL B 66 14.49 18.80 18.94
CA VAL B 66 13.50 19.73 19.51
C VAL B 66 12.58 20.28 18.41
N ARG B 67 13.12 20.57 17.23
CA ARG B 67 12.29 21.11 16.16
C ARG B 67 11.26 20.10 15.66
N TYR B 68 11.66 18.84 15.49
CA TYR B 68 10.82 17.87 14.82
C TYR B 68 10.07 16.93 15.77
N THR B 69 10.29 17.03 17.08
CA THR B 69 9.53 16.20 18.02
C THR B 69 8.10 16.72 18.15
N ASN B 70 7.14 15.78 18.06
CA ASN B 70 5.72 16.09 18.20
C ASN B 70 5.26 17.12 17.18
N SER B 71 5.85 17.07 16.01
CA SER B 71 5.37 17.87 14.91
C SER B 71 4.89 16.90 13.81
N SER B 72 4.02 17.34 12.92
CA SER B 72 3.60 16.51 11.79
C SER B 72 4.07 17.07 10.45
N THR B 73 4.76 18.21 10.44
CA THR B 73 5.50 18.62 9.24
C THR B 73 6.55 17.57 8.94
N GLU B 74 6.77 17.30 7.64
CA GLU B 74 7.51 16.10 7.23
C GLU B 74 8.89 16.05 7.85
N ILE B 75 9.18 14.94 8.53
CA ILE B 75 10.46 14.73 9.21
C ILE B 75 11.53 14.35 8.19
N PRO B 76 12.59 15.14 8.03
CA PRO B 76 13.71 14.72 7.18
C PRO B 76 14.64 13.77 7.94
N GLU B 77 15.57 13.18 7.20
CA GLU B 77 16.60 12.33 7.78
C GLU B 77 17.66 13.15 8.53
N PHE B 78 18.07 12.68 9.70
CA PHE B 78 19.26 13.24 10.33
C PHE B 78 20.50 12.67 9.65
N PRO B 79 21.32 13.47 8.97
CA PRO B 79 22.44 12.91 8.20
C PRO B 79 23.67 12.74 9.08
N ILE B 80 24.40 11.65 8.83
CA ILE B 80 25.63 11.33 9.56
C ILE B 80 26.65 10.84 8.55
N ALA B 81 27.72 11.61 8.34
CA ALA B 81 28.78 11.17 7.45
C ALA B 81 29.45 9.91 8.00
N PRO B 82 29.91 9.01 7.12
CA PRO B 82 30.53 7.77 7.61
C PRO B 82 31.72 8.00 8.55
N GLU B 83 32.54 9.01 8.29
CA GLU B 83 33.76 9.25 9.07
C GLU B 83 33.50 9.60 10.53
N ILE B 84 32.30 10.05 10.89
CA ILE B 84 32.04 10.47 12.26
C ILE B 84 31.10 9.52 13.00
N ALA B 85 30.69 8.42 12.37
CA ALA B 85 29.60 7.60 12.92
C ALA B 85 30.00 6.96 14.25
N LEU B 86 31.21 6.39 14.31
CA LEU B 86 31.63 5.67 15.51
C LEU B 86 31.77 6.61 16.70
N GLU B 87 32.53 7.70 16.55
CA GLU B 87 32.64 8.67 17.63
C GLU B 87 31.26 9.20 18.03
N LEU B 88 30.43 9.55 17.05
CA LEU B 88 29.09 10.03 17.36
C LEU B 88 28.29 8.96 18.11
N LEU B 89 28.44 7.70 17.69
CA LEU B 89 27.83 6.61 18.44
C LEU B 89 28.32 6.58 19.88
N MET B 90 29.65 6.69 20.07
CA MET B 90 30.18 6.72 21.43
C MET B 90 29.70 7.95 22.18
N ALA B 91 29.74 9.13 21.52
CA ALA B 91 29.21 10.35 22.13
C ALA B 91 27.75 10.17 22.50
N ALA B 92 26.95 9.64 21.57
CA ALA B 92 25.53 9.45 21.83
C ALA B 92 25.30 8.45 22.97
N ASN B 93 26.02 7.31 22.93
CA ASN B 93 25.96 6.36 24.05
C ASN B 93 26.34 7.04 25.37
N PHE B 94 27.41 7.84 25.36
CA PHE B 94 27.79 8.59 26.55
C PHE B 94 26.71 9.60 26.94
N LEU B 95 26.15 10.30 25.97
CA LEU B 95 25.24 11.40 26.26
C LEU B 95 23.83 10.92 26.57
N ASP B 96 23.51 9.67 26.23
CA ASP B 96 22.18 9.12 26.45
C ASP B 96 21.12 9.99 25.77
N CYS B 97 21.27 10.12 24.45
CA CYS B 97 20.33 10.92 23.66
C CYS B 97 20.15 10.34 22.26
N VAL C 11 -4.04 -12.93 18.97
CA VAL C 11 -2.88 -12.08 19.13
C VAL C 11 -3.21 -10.73 18.47
N LEU C 12 -2.17 -10.09 17.93
CA LEU C 12 -2.33 -9.00 16.97
C LEU C 12 -2.45 -9.66 15.60
N ARG C 13 -3.64 -9.57 15.00
CA ARG C 13 -3.96 -10.25 13.77
C ARG C 13 -5.08 -9.51 13.07
N SER C 14 -5.11 -9.63 11.73
CA SER C 14 -6.24 -9.16 10.95
C SER C 14 -7.48 -10.01 11.21
N VAL C 15 -8.64 -9.39 11.10
CA VAL C 15 -9.90 -10.12 11.17
C VAL C 15 -10.46 -10.26 9.76
N ASN C 16 -11.05 -11.42 9.46
CA ASN C 16 -11.59 -11.68 8.13
C ASN C 16 -12.94 -10.99 7.98
N SER C 17 -12.88 -9.67 7.86
CA SER C 17 -14.09 -8.88 7.70
C SER C 17 -14.71 -9.00 6.32
N ARG C 18 -13.91 -9.23 5.28
CA ARG C 18 -14.34 -9.21 3.88
C ARG C 18 -14.99 -7.88 3.48
N GLU C 19 -14.81 -6.84 4.28
CA GLU C 19 -15.31 -5.50 3.94
C GLU C 19 -14.22 -4.70 3.23
N PRO C 20 -14.32 -4.46 1.93
CA PRO C 20 -13.20 -3.81 1.23
C PRO C 20 -12.98 -2.40 1.74
N SER C 21 -11.73 -1.95 1.66
CA SER C 21 -11.39 -0.61 2.11
C SER C 21 -10.20 -0.13 1.31
N GLN C 22 -10.40 0.94 0.56
CA GLN C 22 -9.31 1.56 -0.18
C GLN C 22 -8.47 2.45 0.72
N VAL C 23 -7.16 2.40 0.51
CA VAL C 23 -6.16 3.08 1.35
C VAL C 23 -5.13 3.67 0.41
N ILE C 24 -4.66 4.86 0.71
CA ILE C 24 -3.48 5.42 0.04
C ILE C 24 -2.29 5.16 0.95
N PHE C 25 -1.36 4.30 0.52
CA PHE C 25 -0.07 4.22 1.21
C PHE C 25 0.74 5.43 0.76
N CYS C 26 0.91 6.41 1.63
CA CYS C 26 1.62 7.64 1.28
C CYS C 26 2.97 7.69 1.99
N ASN C 27 4.05 7.64 1.22
CA ASN C 27 5.40 7.52 1.74
C ASN C 27 6.05 8.90 1.83
N ARG C 28 5.82 9.59 2.94
CA ARG C 28 6.44 10.89 3.23
C ARG C 28 7.73 10.71 4.02
N SER C 29 8.54 9.73 3.66
CA SER C 29 9.79 9.45 4.33
C SER C 29 10.85 9.38 3.25
N PRO C 30 12.13 9.45 3.63
CA PRO C 30 13.19 9.29 2.64
C PRO C 30 13.57 7.84 2.37
N ARG C 31 12.94 6.89 3.04
CA ARG C 31 13.29 5.48 2.92
C ARG C 31 12.42 4.78 1.89
N VAL C 32 12.94 3.70 1.32
CA VAL C 32 12.13 2.75 0.57
C VAL C 32 11.30 1.97 1.58
N VAL C 33 9.98 2.05 1.46
CA VAL C 33 9.08 1.55 2.50
C VAL C 33 8.59 0.14 2.16
N LEU C 34 8.55 -0.72 3.16
CA LEU C 34 8.05 -2.08 2.99
C LEU C 34 6.81 -2.33 3.84
N PRO C 35 5.61 -2.27 3.23
CA PRO C 35 4.40 -2.52 4.00
C PRO C 35 4.35 -3.97 4.45
N VAL C 36 3.91 -4.20 5.68
CA VAL C 36 3.80 -5.54 6.26
C VAL C 36 2.36 -5.75 6.71
N TRP C 37 1.70 -6.75 6.14
CA TRP C 37 0.35 -7.12 6.55
C TRP C 37 0.43 -8.28 7.56
N LEU C 38 -0.31 -8.16 8.65
CA LEU C 38 -0.44 -9.26 9.60
C LEU C 38 -1.63 -10.10 9.20
N ASN C 39 -1.41 -11.36 8.84
CA ASN C 39 -2.49 -12.15 8.26
C ASN C 39 -3.41 -12.63 9.38
N PHE C 40 -4.32 -13.56 9.07
CA PHE C 40 -5.36 -13.93 10.03
C PHE C 40 -4.81 -14.82 11.16
N ASP C 41 -3.61 -15.35 11.01
CA ASP C 41 -2.87 -16.03 12.07
C ASP C 41 -1.84 -15.12 12.76
N GLY C 42 -1.84 -13.83 12.44
CA GLY C 42 -0.89 -12.89 13.00
C GLY C 42 0.48 -12.90 12.37
N GLU C 43 0.71 -13.69 11.33
CA GLU C 43 2.04 -13.74 10.75
C GLU C 43 2.27 -12.55 9.82
N PRO C 44 3.46 -11.96 9.88
CA PRO C 44 3.79 -10.83 8.99
C PRO C 44 3.92 -11.29 7.55
N GLN C 45 3.28 -10.57 6.63
CA GLN C 45 3.41 -10.80 5.20
C GLN C 45 3.98 -9.56 4.54
N PRO C 46 5.05 -9.64 3.79
CA PRO C 46 5.58 -8.46 3.11
C PRO C 46 4.83 -8.19 1.82
N TYR C 47 4.69 -6.90 1.49
CA TYR C 47 3.96 -6.44 0.31
C TYR C 47 4.92 -5.64 -0.55
N PRO C 48 4.60 -5.32 -1.81
CA PRO C 48 5.54 -4.54 -2.64
C PRO C 48 5.90 -3.19 -2.01
N THR C 49 7.13 -2.73 -2.28
CA THR C 49 7.70 -1.57 -1.61
C THR C 49 7.33 -0.25 -2.29
N LEU C 50 7.41 0.83 -1.51
CA LEU C 50 7.10 2.18 -1.97
C LEU C 50 8.37 3.02 -2.05
N PRO C 51 8.70 3.59 -3.20
CA PRO C 51 9.82 4.53 -3.27
C PRO C 51 9.58 5.74 -2.38
N PRO C 52 10.62 6.41 -1.91
CA PRO C 52 10.40 7.58 -1.04
C PRO C 52 9.66 8.67 -1.80
N GLY C 53 8.76 9.36 -1.08
CA GLY C 53 8.02 10.44 -1.71
C GLY C 53 7.01 10.02 -2.75
N THR C 54 6.50 8.79 -2.69
CA THR C 54 5.48 8.34 -3.63
C THR C 54 4.29 7.78 -2.85
N GLY C 55 3.15 7.74 -3.54
CA GLY C 55 1.94 7.19 -2.97
C GLY C 55 1.34 6.16 -3.92
N ARG C 56 0.52 5.29 -3.35
CA ARG C 56 -0.18 4.29 -4.15
C ARG C 56 -1.52 4.04 -3.48
N ARG C 57 -2.61 4.06 -4.25
CA ARG C 57 -3.88 3.57 -3.73
C ARG C 57 -3.82 2.05 -3.73
N ILE C 58 -4.23 1.43 -2.61
CA ILE C 58 -4.22 -0.02 -2.55
C ILE C 58 -5.56 -0.51 -2.02
N HIS C 59 -5.82 -1.78 -2.31
CA HIS C 59 -7.04 -2.45 -1.91
C HIS C 59 -6.78 -3.26 -0.63
N SER C 60 -7.46 -2.92 0.45
CA SER C 60 -7.33 -3.67 1.71
C SER C 60 -8.73 -3.83 2.30
N TYR C 61 -8.80 -4.10 3.62
CA TYR C 61 -10.05 -4.49 4.27
C TYR C 61 -10.16 -3.87 5.65
N ARG C 62 -11.39 -3.60 6.07
CA ARG C 62 -11.60 -3.15 7.44
C ARG C 62 -11.12 -4.22 8.41
N GLY C 63 -10.41 -3.80 9.47
CA GLY C 63 -9.94 -4.76 10.45
C GLY C 63 -8.66 -5.47 10.08
N HIS C 64 -7.98 -5.02 9.03
CA HIS C 64 -6.71 -5.60 8.62
C HIS C 64 -5.57 -4.74 9.15
N LEU C 65 -4.53 -5.39 9.69
CA LEU C 65 -3.46 -4.73 10.43
C LEU C 65 -2.23 -4.58 9.56
N TRP C 66 -1.65 -3.39 9.55
CA TRP C 66 -0.47 -3.08 8.78
C TRP C 66 0.56 -2.39 9.66
N LEU C 67 1.83 -2.62 9.35
CA LEU C 67 2.92 -1.81 9.86
C LEU C 67 3.87 -1.58 8.72
N PHE C 68 4.82 -0.67 8.92
CA PHE C 68 5.66 -0.20 7.83
C PHE C 68 7.11 -0.11 8.29
N ARG C 69 8.03 -0.57 7.46
CA ARG C 69 9.43 -0.65 7.83
C ARG C 69 10.28 -0.15 6.68
N ASP C 70 11.50 0.23 7.02
CA ASP C 70 12.51 0.40 5.98
C ASP C 70 12.73 -0.93 5.29
N ALA C 71 12.79 -0.91 3.97
CA ALA C 71 12.77 -2.15 3.22
C ALA C 71 14.13 -2.85 3.17
N GLY C 72 15.22 -2.13 3.40
CA GLY C 72 16.54 -2.71 3.33
C GLY C 72 17.13 -3.04 4.68
N THR C 73 16.61 -2.42 5.73
CA THR C 73 17.17 -2.55 7.06
C THR C 73 16.14 -2.95 8.08
N HIS C 74 14.84 -2.86 7.76
CA HIS C 74 13.75 -3.16 8.67
C HIS C 74 13.63 -2.16 9.82
N ASP C 75 14.24 -0.98 9.69
CA ASP C 75 13.97 0.09 10.65
C ASP C 75 12.47 0.36 10.73
N GLY C 76 11.96 0.45 11.95
CA GLY C 76 10.55 0.73 12.14
C GLY C 76 10.19 2.15 11.72
N LEU C 77 8.97 2.32 11.21
CA LEU C 77 8.49 3.59 10.72
C LEU C 77 7.11 3.88 11.28
N LEU C 78 6.71 5.15 11.19
CA LEU C 78 5.42 5.57 11.73
C LEU C 78 4.38 5.66 10.61
N VAL C 79 3.14 5.35 10.96
CA VAL C 79 2.02 5.50 10.03
C VAL C 79 0.90 6.21 10.78
N ASN C 80 0.56 7.40 10.31
CA ASN C 80 -0.37 8.29 11.02
C ASN C 80 0.08 8.47 12.48
N GLN C 81 1.37 8.74 12.65
CA GLN C 81 1.98 9.02 13.96
C GLN C 81 1.91 7.83 14.92
N THR C 82 1.70 6.61 14.44
CA THR C 82 1.74 5.47 15.35
C THR C 82 2.39 4.27 14.66
N GLU C 83 2.43 3.15 15.38
CA GLU C 83 3.14 1.97 14.88
C GLU C 83 2.28 1.15 13.92
N LEU C 84 1.01 0.93 14.26
CA LEU C 84 0.10 0.07 13.54
C LEU C 84 -0.98 0.87 12.84
N PHE C 85 -1.40 0.37 11.67
CA PHE C 85 -2.49 1.00 10.92
C PHE C 85 -3.56 -0.05 10.65
N VAL C 86 -4.80 0.30 10.96
CA VAL C 86 -5.97 -0.50 10.62
C VAL C 86 -6.94 0.41 9.87
N PRO C 87 -7.40 0.05 8.67
CA PRO C 87 -8.43 0.85 8.03
C PRO C 87 -9.69 0.89 8.89
N SER C 88 -10.21 2.08 9.08
CA SER C 88 -11.30 2.32 10.00
C SER C 88 -12.59 2.49 9.22
N LEU C 89 -13.64 2.89 9.93
CA LEU C 89 -14.91 3.25 9.30
C LEU C 89 -14.71 4.29 8.21
N ASN C 90 -15.33 4.06 7.06
CA ASN C 90 -15.30 5.00 5.94
C ASN C 90 -16.72 5.39 5.63
N VAL C 91 -17.04 6.67 5.80
CA VAL C 91 -18.39 7.19 5.53
C VAL C 91 -18.44 8.08 4.31
N ASP C 92 -17.31 8.55 3.80
CA ASP C 92 -17.36 9.51 2.71
C ASP C 92 -16.97 8.91 1.35
N GLY C 93 -16.59 7.64 1.29
CA GLY C 93 -16.18 7.07 0.03
C GLY C 93 -14.80 7.48 -0.46
N GLN C 94 -14.09 8.31 0.29
CA GLN C 94 -12.73 8.62 -0.15
C GLN C 94 -11.76 7.57 0.40
N PRO C 95 -10.64 7.33 -0.27
CA PRO C 95 -9.65 6.39 0.28
C PRO C 95 -8.99 6.94 1.54
N ILE C 96 -8.79 6.06 2.52
CA ILE C 96 -8.20 6.44 3.80
C ILE C 96 -6.70 6.61 3.63
N PHE C 97 -6.15 7.69 4.19
CA PHE C 97 -4.72 7.97 4.02
C PHE C 97 -3.92 7.27 5.11
N ALA C 98 -2.91 6.51 4.68
CA ALA C 98 -1.88 5.97 5.58
C ALA C 98 -0.61 6.74 5.28
N ASN C 99 -0.33 7.76 6.10
CA ASN C 99 0.85 8.60 5.91
C ASN C 99 2.02 7.98 6.66
N ILE C 100 3.04 7.57 5.90
CA ILE C 100 4.21 6.90 6.43
C ILE C 100 5.32 7.92 6.56
N THR C 101 5.86 8.06 7.78
CA THR C 101 6.88 9.07 8.04
C THR C 101 8.03 8.49 8.85
N LEU C 102 9.14 9.22 8.81
CA LEU C 102 10.30 8.93 9.64
C LEU C 102 10.01 9.29 11.10
N PRO C 103 10.27 8.41 12.04
CA PRO C 103 10.24 8.83 13.45
C PRO C 103 11.48 9.65 13.76
N VAL C 104 11.40 10.39 14.87
CA VAL C 104 12.57 11.10 15.35
C VAL C 104 13.39 10.07 16.12
N TYR C 105 14.34 9.44 15.45
CA TYR C 105 15.17 8.45 16.11
C TYR C 105 16.07 9.10 17.15
N THR C 106 16.30 8.41 18.28
CA THR C 106 17.36 8.84 19.18
C THR C 106 18.67 8.93 18.40
N LEU C 107 19.55 9.82 18.87
CA LEU C 107 20.85 9.96 18.22
C LEU C 107 21.61 8.64 18.20
N LYS C 108 21.57 7.91 19.33
CA LYS C 108 22.18 6.58 19.40
C LYS C 108 21.58 5.65 18.37
N GLU C 109 20.24 5.55 18.34
CA GLU C 109 19.61 4.63 17.38
C GLU C 109 20.00 4.98 15.94
N ARG C 110 19.96 6.27 15.59
CA ARG C 110 20.36 6.66 14.25
C ARG C 110 21.83 6.37 14.00
N CYS C 111 22.66 6.46 15.05
CA CYS C 111 24.06 6.10 14.89
C CYS C 111 24.23 4.61 14.61
N LEU C 112 23.53 3.77 15.37
CA LEU C 112 23.54 2.33 15.06
C LEU C 112 23.11 2.08 13.61
N GLN C 113 22.06 2.77 13.14
CA GLN C 113 21.60 2.54 11.77
C GLN C 113 22.69 2.83 10.75
N VAL C 114 23.43 3.92 10.93
CA VAL C 114 24.43 4.29 9.94
C VAL C 114 25.62 3.34 10.00
N VAL C 115 26.01 2.91 11.19
CA VAL C 115 27.12 1.96 11.29
C VAL C 115 26.74 0.62 10.65
N ARG C 116 25.59 0.07 11.03
CA ARG C 116 25.13 -1.18 10.45
C ARG C 116 25.15 -1.13 8.93
N SER C 117 24.88 0.04 8.35
CA SER C 117 24.85 0.19 6.90
C SER C 117 26.24 0.22 6.27
N LEU C 118 27.30 0.34 7.07
CA LEU C 118 28.65 0.47 6.53
C LEU C 118 29.56 -0.72 6.82
N VAL C 119 29.30 -1.47 7.89
CA VAL C 119 30.11 -2.61 8.28
C VAL C 119 29.26 -3.87 8.18
N LYS C 120 29.82 -4.91 7.57
CA LYS C 120 29.15 -6.19 7.56
C LYS C 120 29.14 -6.81 8.96
N PRO C 121 28.10 -7.56 9.31
CA PRO C 121 27.97 -8.04 10.70
C PRO C 121 29.08 -8.98 11.15
N GLU C 122 29.87 -9.54 10.22
CA GLU C 122 31.06 -10.29 10.62
C GLU C 122 32.06 -9.38 11.33
N ASN C 123 32.27 -8.17 10.78
CA ASN C 123 33.26 -7.22 11.28
C ASN C 123 32.71 -6.26 12.32
N TYR C 124 31.60 -6.59 12.98
CA TYR C 124 31.07 -5.72 14.03
C TYR C 124 32.08 -5.59 15.17
N ARG C 125 32.59 -6.71 15.67
CA ARG C 125 33.50 -6.70 16.79
C ARG C 125 34.93 -6.38 16.39
N ARG C 126 35.17 -6.06 15.12
CA ARG C 126 36.45 -5.50 14.65
C ARG C 126 36.40 -3.96 14.69
N LEU C 127 36.01 -3.40 15.83
CA LEU C 127 35.76 -1.98 15.96
C LEU C 127 36.32 -1.42 17.26
N ASP C 128 36.77 -0.17 17.21
CA ASP C 128 37.42 0.51 18.32
C ASP C 128 36.43 1.11 19.31
N ILE C 129 35.36 0.39 19.67
CA ILE C 129 34.26 0.95 20.43
C ILE C 129 34.10 0.17 21.73
N VAL C 130 33.63 0.87 22.76
CA VAL C 130 33.20 0.24 24.02
C VAL C 130 32.48 -1.06 23.70
N ARG C 131 32.90 -2.16 24.34
CA ARG C 131 32.43 -3.47 23.95
C ARG C 131 30.91 -3.60 24.10
N SER C 132 30.33 -2.80 25.00
CA SER C 132 28.90 -2.84 25.26
C SER C 132 28.06 -2.50 24.04
N LEU C 133 28.57 -1.60 23.20
CA LEU C 133 27.84 -1.19 22.01
C LEU C 133 27.84 -2.27 20.94
N TYR C 134 28.75 -3.25 21.04
CA TYR C 134 28.68 -4.44 20.19
C TYR C 134 27.29 -5.07 20.25
N GLU C 135 26.71 -5.17 21.44
CA GLU C 135 25.38 -5.78 21.57
C GLU C 135 24.33 -4.93 20.88
N ASP C 136 24.41 -3.61 21.04
CA ASP C 136 23.45 -2.70 20.43
C ASP C 136 23.50 -2.75 18.91
N LEU C 137 24.69 -2.90 18.33
CA LEU C 137 24.79 -3.01 16.87
C LEU C 137 24.08 -4.25 16.36
N GLU C 138 24.25 -5.39 17.03
CA GLU C 138 23.67 -6.64 16.55
C GLU C 138 22.27 -6.88 17.10
N ASP C 139 21.70 -5.92 17.82
CA ASP C 139 20.30 -6.00 18.23
C ASP C 139 19.42 -5.31 17.18
N HIS C 140 19.42 -5.90 15.98
CA HIS C 140 18.74 -5.30 14.85
C HIS C 140 17.24 -5.14 15.12
N PRO C 141 16.59 -4.22 14.43
CA PRO C 141 15.13 -4.23 14.40
C PRO C 141 14.65 -5.36 13.50
N ASN C 142 13.71 -6.15 14.02
CA ASN C 142 12.96 -7.13 13.24
C ASN C 142 11.51 -7.06 13.68
N VAL C 143 10.61 -7.40 12.76
CA VAL C 143 9.19 -7.17 13.03
C VAL C 143 8.69 -8.09 14.14
N GLN C 144 9.18 -9.33 14.20
CA GLN C 144 8.68 -10.24 15.23
C GLN C 144 9.01 -9.73 16.62
N LYS C 145 10.21 -9.16 16.79
CA LYS C 145 10.59 -8.57 18.07
C LYS C 145 9.59 -7.50 18.50
N ASP C 146 9.10 -6.69 17.55
CA ASP C 146 8.13 -5.66 17.88
C ASP C 146 6.74 -6.25 18.14
N LEU C 147 6.35 -7.28 17.41
CA LEU C 147 5.00 -7.84 17.59
C LEU C 147 4.82 -8.38 19.00
N GLU C 148 5.83 -9.09 19.52
CA GLU C 148 5.81 -9.49 20.93
C GLU C 148 5.79 -8.28 21.84
N ARG C 149 6.61 -7.27 21.51
CA ARG C 149 6.56 -6.00 22.23
C ARG C 149 5.16 -5.38 22.18
N LEU C 150 4.61 -5.23 20.97
CA LEU C 150 3.34 -4.53 20.81
C LEU C 150 2.21 -5.22 21.57
N THR C 151 2.18 -6.55 21.54
CA THR C 151 1.09 -7.28 22.19
C THR C 151 1.28 -7.36 23.70
N GLN C 152 2.53 -7.29 24.19
CA GLN C 152 2.78 -7.28 25.62
C GLN C 152 2.58 -5.90 26.24
N GLU C 153 2.27 -4.89 25.43
CA GLU C 153 2.02 -3.54 25.93
C GLU C 153 0.65 -3.43 26.58
N LYS D 6 -43.99 -10.76 -12.57
CA LYS D 6 -44.37 -11.52 -13.77
C LYS D 6 -43.89 -12.99 -13.76
N PRO D 7 -42.59 -13.27 -13.68
CA PRO D 7 -42.16 -14.68 -13.66
C PRO D 7 -42.63 -15.36 -12.38
N ASN D 8 -42.61 -16.68 -12.36
CA ASN D 8 -43.06 -17.43 -11.18
C ASN D 8 -42.12 -18.57 -10.86
N TYR D 9 -40.81 -18.28 -10.78
CA TYR D 9 -39.85 -19.33 -10.50
C TYR D 9 -40.19 -20.03 -9.18
N ALA D 10 -40.17 -21.36 -9.21
CA ALA D 10 -40.34 -22.19 -8.04
C ALA D 10 -39.24 -23.24 -7.98
N LEU D 11 -38.84 -23.58 -6.75
CA LEU D 11 -37.74 -24.52 -6.55
C LEU D 11 -38.18 -25.92 -6.96
N LYS D 12 -37.33 -26.58 -7.75
CA LYS D 12 -37.61 -27.94 -8.22
C LYS D 12 -36.59 -28.96 -7.73
N PHE D 13 -35.31 -28.62 -7.70
CA PHE D 13 -34.27 -29.55 -7.27
C PHE D 13 -33.20 -28.81 -6.47
N THR D 14 -32.70 -29.47 -5.41
CA THR D 14 -31.51 -29.07 -4.68
C THR D 14 -30.42 -30.11 -4.96
N LEU D 15 -29.26 -29.66 -5.43
CA LEU D 15 -28.17 -30.53 -5.81
C LEU D 15 -27.13 -30.50 -4.70
N ALA D 16 -26.99 -31.61 -3.98
CA ALA D 16 -26.11 -31.73 -2.84
C ALA D 16 -24.95 -32.63 -3.17
N GLY D 17 -23.77 -32.31 -2.64
CA GLY D 17 -22.60 -33.07 -3.00
C GLY D 17 -21.28 -32.36 -2.77
N HIS D 18 -21.19 -31.07 -3.04
CA HIS D 18 -19.96 -30.37 -2.69
C HIS D 18 -19.85 -30.31 -1.17
N THR D 19 -18.61 -30.22 -0.67
CA THR D 19 -18.36 -30.18 0.76
C THR D 19 -17.89 -28.82 1.24
N LYS D 20 -17.78 -27.83 0.36
CA LYS D 20 -17.50 -26.45 0.72
C LYS D 20 -18.34 -25.55 -0.18
N ALA D 21 -18.14 -24.24 -0.02
CA ALA D 21 -18.82 -23.22 -0.82
C ALA D 21 -18.79 -23.56 -2.32
N VAL D 22 -19.94 -23.40 -2.97
CA VAL D 22 -20.04 -23.56 -4.42
C VAL D 22 -19.82 -22.20 -5.06
N SER D 23 -18.84 -22.12 -5.97
CA SER D 23 -18.42 -20.83 -6.51
C SER D 23 -19.12 -20.45 -7.81
N SER D 24 -19.42 -21.41 -8.67
CA SER D 24 -19.88 -21.08 -10.02
C SER D 24 -20.76 -22.19 -10.56
N VAL D 25 -21.89 -21.83 -11.17
CA VAL D 25 -22.72 -22.76 -11.94
C VAL D 25 -22.89 -22.21 -13.36
N LYS D 26 -22.81 -23.12 -14.35
CA LYS D 26 -22.90 -22.80 -15.77
C LYS D 26 -23.63 -23.92 -16.50
N PHE D 27 -24.67 -23.57 -17.24
CA PHE D 27 -25.33 -24.53 -18.13
C PHE D 27 -24.50 -24.74 -19.39
N SER D 28 -24.43 -25.99 -19.85
CA SER D 28 -23.76 -26.26 -21.11
C SER D 28 -24.52 -25.54 -22.23
N PRO D 29 -23.82 -25.09 -23.26
CA PRO D 29 -24.53 -24.38 -24.34
C PRO D 29 -25.59 -25.23 -25.01
N ASN D 30 -25.46 -26.57 -25.00
CA ASN D 30 -26.51 -27.41 -25.58
C ASN D 30 -27.68 -27.69 -24.62
N GLY D 31 -27.70 -27.11 -23.42
CA GLY D 31 -28.83 -27.25 -22.53
C GLY D 31 -28.91 -28.55 -21.75
N GLU D 32 -28.00 -29.51 -21.98
CA GLU D 32 -28.11 -30.84 -21.37
C GLU D 32 -27.51 -30.91 -19.97
N TRP D 33 -26.49 -30.10 -19.67
CA TRP D 33 -25.67 -30.30 -18.48
C TRP D 33 -25.54 -29.01 -17.68
N LEU D 34 -25.27 -29.19 -16.39
CA LEU D 34 -24.87 -28.11 -15.49
C LEU D 34 -23.53 -28.49 -14.89
N ALA D 35 -22.54 -27.61 -15.05
CA ALA D 35 -21.26 -27.77 -14.38
C ALA D 35 -21.20 -26.83 -13.18
N SER D 36 -20.65 -27.33 -12.07
CA SER D 36 -20.45 -26.53 -10.87
C SER D 36 -19.02 -26.67 -10.41
N SER D 37 -18.49 -25.58 -9.84
CA SER D 37 -17.17 -25.58 -9.24
C SER D 37 -17.29 -25.17 -7.77
N SER D 38 -16.25 -25.44 -7.00
CA SER D 38 -16.39 -25.25 -5.57
C SER D 38 -15.03 -25.01 -4.93
N ALA D 39 -15.07 -24.38 -3.76
CA ALA D 39 -13.91 -24.26 -2.89
C ALA D 39 -13.37 -25.62 -2.46
N ASP D 40 -14.14 -26.70 -2.61
CA ASP D 40 -13.66 -28.04 -2.29
C ASP D 40 -12.76 -28.63 -3.37
N LYS D 41 -12.37 -27.83 -4.36
CA LYS D 41 -11.42 -28.18 -5.43
C LYS D 41 -12.03 -29.09 -6.49
N LEU D 42 -13.31 -29.38 -6.42
CA LEU D 42 -13.96 -30.29 -7.34
C LEU D 42 -14.85 -29.53 -8.32
N ILE D 43 -15.03 -30.15 -9.49
CA ILE D 43 -16.05 -29.78 -10.46
C ILE D 43 -17.05 -30.91 -10.52
N LYS D 44 -18.34 -30.59 -10.59
CA LYS D 44 -19.35 -31.62 -10.70
C LYS D 44 -20.23 -31.34 -11.91
N ILE D 45 -20.71 -32.43 -12.53
CA ILE D 45 -21.58 -32.36 -13.70
C ILE D 45 -22.94 -32.91 -13.30
N TRP D 46 -23.98 -32.18 -13.67
CA TRP D 46 -25.35 -32.56 -13.32
C TRP D 46 -26.24 -32.42 -14.55
N GLY D 47 -27.30 -33.22 -14.56
CA GLY D 47 -28.33 -33.06 -15.56
C GLY D 47 -29.03 -31.74 -15.39
N ALA D 48 -29.15 -30.98 -16.48
CA ALA D 48 -29.68 -29.63 -16.43
C ALA D 48 -31.17 -29.60 -16.11
N TYR D 49 -31.91 -30.66 -16.40
CA TYR D 49 -33.36 -30.64 -16.22
C TYR D 49 -33.81 -31.40 -14.97
N ASP D 50 -33.16 -32.51 -14.63
CA ASP D 50 -33.51 -33.31 -13.46
C ASP D 50 -32.55 -33.14 -12.29
N GLY D 51 -31.44 -32.43 -12.47
CA GLY D 51 -30.44 -32.29 -11.43
C GLY D 51 -29.61 -33.52 -11.16
N LYS D 52 -29.76 -34.58 -11.93
CA LYS D 52 -29.12 -35.84 -11.59
C LYS D 52 -27.60 -35.70 -11.63
N PHE D 53 -26.95 -36.11 -10.54
CA PHE D 53 -25.50 -36.10 -10.49
C PHE D 53 -24.92 -37.00 -11.57
N GLU D 54 -23.96 -36.47 -12.33
CA GLU D 54 -23.36 -37.23 -13.42
C GLU D 54 -21.97 -37.71 -13.07
N LYS D 55 -21.04 -36.82 -12.77
CA LYS D 55 -19.68 -37.23 -12.44
C LYS D 55 -19.00 -36.12 -11.66
N THR D 56 -17.86 -36.46 -11.07
CA THR D 56 -16.97 -35.53 -10.38
C THR D 56 -15.66 -35.45 -11.15
N ILE D 57 -15.15 -34.24 -11.31
CA ILE D 57 -13.93 -33.97 -12.07
C ILE D 57 -12.94 -33.32 -11.11
N SER D 58 -11.74 -33.91 -10.99
CA SER D 58 -10.82 -33.46 -9.95
C SER D 58 -9.40 -33.36 -10.50
N GLY D 59 -8.59 -32.55 -9.82
CA GLY D 59 -7.26 -32.26 -10.29
C GLY D 59 -6.65 -31.00 -9.71
N HIS D 60 -7.43 -29.92 -9.58
CA HIS D 60 -6.88 -28.70 -9.01
C HIS D 60 -6.40 -28.94 -7.58
N LYS D 61 -5.40 -28.15 -7.17
CA LYS D 61 -4.75 -28.24 -5.88
C LYS D 61 -5.36 -27.33 -4.81
N LEU D 62 -6.10 -26.29 -5.20
CA LEU D 62 -6.79 -25.42 -4.25
C LEU D 62 -8.19 -25.16 -4.79
N GLY D 63 -8.95 -24.30 -4.13
CA GLY D 63 -10.32 -24.05 -4.53
C GLY D 63 -10.43 -23.42 -5.91
N ILE D 64 -11.62 -23.53 -6.50
CA ILE D 64 -11.89 -23.09 -7.87
C ILE D 64 -12.93 -21.97 -7.85
N SER D 65 -12.64 -20.89 -8.57
CA SER D 65 -13.53 -19.74 -8.60
C SER D 65 -14.56 -19.83 -9.71
N ASP D 66 -14.23 -20.50 -10.82
CA ASP D 66 -15.04 -20.32 -12.01
C ASP D 66 -14.81 -21.50 -12.94
N VAL D 67 -15.81 -21.77 -13.76
CA VAL D 67 -15.75 -22.81 -14.77
C VAL D 67 -16.55 -22.31 -15.96
N ALA D 68 -16.17 -22.73 -17.17
CA ALA D 68 -16.82 -22.24 -18.38
C ALA D 68 -16.77 -23.32 -19.45
N TRP D 69 -17.82 -23.37 -20.27
CA TRP D 69 -17.98 -24.39 -21.31
C TRP D 69 -17.47 -23.88 -22.65
N SER D 70 -16.95 -24.81 -23.47
CA SER D 70 -16.75 -24.53 -24.88
C SER D 70 -18.10 -24.48 -25.62
N SER D 71 -18.08 -23.88 -26.82
CA SER D 71 -19.33 -23.66 -27.55
C SER D 71 -20.04 -24.94 -27.90
N ASP D 72 -19.29 -26.04 -28.04
CA ASP D 72 -19.83 -27.32 -28.46
C ASP D 72 -20.16 -28.23 -27.30
N SER D 73 -20.09 -27.72 -26.07
CA SER D 73 -20.40 -28.44 -24.83
C SER D 73 -19.45 -29.62 -24.56
N ASN D 74 -18.29 -29.69 -25.23
CA ASN D 74 -17.39 -30.81 -25.02
C ASN D 74 -16.29 -30.52 -24.00
N LEU D 75 -15.82 -29.28 -23.91
CA LEU D 75 -14.73 -28.90 -23.02
C LEU D 75 -15.21 -27.98 -21.90
N LEU D 76 -14.50 -28.04 -20.77
CA LEU D 76 -14.63 -27.10 -19.67
C LEU D 76 -13.27 -26.48 -19.41
N VAL D 77 -13.24 -25.19 -19.07
CA VAL D 77 -12.07 -24.56 -18.48
C VAL D 77 -12.42 -24.10 -17.08
N SER D 78 -11.45 -24.18 -16.17
CA SER D 78 -11.64 -23.85 -14.77
C SER D 78 -10.51 -22.95 -14.30
N ALA D 79 -10.81 -22.11 -13.31
CA ALA D 79 -9.90 -21.08 -12.81
C ALA D 79 -9.75 -21.25 -11.30
N SER D 80 -8.51 -21.36 -10.82
CA SER D 80 -8.27 -21.89 -9.50
C SER D 80 -7.34 -21.01 -8.67
N ASP D 81 -7.56 -21.05 -7.36
CA ASP D 81 -6.64 -20.41 -6.42
C ASP D 81 -5.23 -21.00 -6.50
N ASP D 82 -5.06 -22.18 -7.10
CA ASP D 82 -3.72 -22.74 -7.27
C ASP D 82 -2.94 -22.06 -8.38
N LYS D 83 -3.44 -20.93 -8.92
CA LYS D 83 -2.77 -20.07 -9.92
C LYS D 83 -2.79 -20.60 -11.34
N THR D 84 -3.46 -21.72 -11.61
CA THR D 84 -3.58 -22.25 -12.96
C THR D 84 -5.03 -22.20 -13.41
N LEU D 85 -5.21 -22.37 -14.72
CA LEU D 85 -6.46 -22.88 -15.27
C LEU D 85 -6.23 -24.30 -15.78
N LYS D 86 -7.31 -25.07 -15.90
CA LYS D 86 -7.24 -26.39 -16.50
C LYS D 86 -8.32 -26.53 -17.55
N ILE D 87 -7.98 -27.22 -18.65
CA ILE D 87 -8.92 -27.54 -19.72
C ILE D 87 -9.30 -29.02 -19.58
N TRP D 88 -10.59 -29.30 -19.56
CA TRP D 88 -11.10 -30.62 -19.25
C TRP D 88 -11.90 -31.15 -20.43
N ASP D 89 -11.69 -32.44 -20.72
CA ASP D 89 -12.57 -33.16 -21.61
C ASP D 89 -13.73 -33.69 -20.77
N VAL D 90 -14.95 -33.22 -21.04
CA VAL D 90 -16.02 -33.44 -20.08
C VAL D 90 -16.48 -34.90 -20.09
N SER D 91 -16.49 -35.55 -21.27
CA SER D 91 -16.99 -36.92 -21.33
C SER D 91 -16.06 -37.90 -20.62
N SER D 92 -14.75 -37.67 -20.70
CA SER D 92 -13.80 -38.52 -20.00
C SER D 92 -13.39 -37.98 -18.64
N GLY D 93 -13.68 -36.72 -18.33
CA GLY D 93 -13.28 -36.16 -17.05
C GLY D 93 -11.79 -35.88 -16.92
N LYS D 94 -11.03 -35.98 -18.01
CA LYS D 94 -9.59 -35.86 -17.96
C LYS D 94 -9.15 -34.42 -18.22
N CYS D 95 -8.03 -34.05 -17.59
CA CYS D 95 -7.40 -32.75 -17.79
C CYS D 95 -6.55 -32.80 -19.05
N LEU D 96 -6.96 -32.05 -20.08
CA LEU D 96 -6.22 -31.98 -21.34
C LEU D 96 -4.98 -31.10 -21.22
N LYS D 97 -5.10 -29.95 -20.56
CA LYS D 97 -3.99 -29.01 -20.42
C LYS D 97 -4.11 -28.30 -19.08
N THR D 98 -2.96 -27.90 -18.54
CA THR D 98 -2.91 -27.02 -17.40
C THR D 98 -2.24 -25.74 -17.86
N LEU D 99 -2.95 -24.62 -17.75
CA LEU D 99 -2.49 -23.32 -18.23
C LEU D 99 -1.76 -22.62 -17.09
N LYS D 100 -0.44 -22.54 -17.19
CA LYS D 100 0.35 -21.92 -16.15
C LYS D 100 0.97 -20.61 -16.62
N GLY D 101 0.98 -19.61 -15.74
CA GLY D 101 1.55 -18.33 -16.08
C GLY D 101 1.16 -17.22 -15.11
N HIS D 102 -0.06 -17.26 -14.58
CA HIS D 102 -0.45 -16.25 -13.62
C HIS D 102 0.36 -16.41 -12.34
N SER D 103 0.57 -15.29 -11.64
CA SER D 103 1.37 -15.30 -10.43
C SER D 103 0.53 -15.28 -9.17
N ASN D 104 -0.80 -15.36 -9.29
CA ASN D 104 -1.67 -15.38 -8.13
C ASN D 104 -2.99 -16.03 -8.55
N TYR D 105 -3.95 -16.08 -7.61
CA TYR D 105 -5.24 -16.72 -7.84
C TYR D 105 -5.83 -16.33 -9.19
N VAL D 106 -6.35 -17.32 -9.92
CA VAL D 106 -7.10 -17.08 -11.16
C VAL D 106 -8.57 -17.11 -10.78
N PHE D 107 -9.29 -16.03 -11.10
CA PHE D 107 -10.65 -15.84 -10.61
C PHE D 107 -11.73 -16.07 -11.67
N CYS D 108 -11.41 -15.93 -12.95
CA CYS D 108 -12.45 -15.94 -13.97
C CYS D 108 -11.88 -16.47 -15.28
N CYS D 109 -12.76 -17.07 -16.09
CA CYS D 109 -12.34 -17.68 -17.35
C CYS D 109 -13.53 -17.76 -18.29
N ASN D 110 -13.24 -17.81 -19.59
CA ASN D 110 -14.25 -17.99 -20.62
C ASN D 110 -13.56 -18.42 -21.91
N PHE D 111 -14.24 -19.25 -22.70
CA PHE D 111 -13.84 -19.51 -24.08
C PHE D 111 -14.34 -18.39 -24.98
N ASN D 112 -13.69 -18.21 -26.13
CA ASN D 112 -14.31 -17.37 -27.15
C ASN D 112 -15.37 -18.19 -27.90
N PRO D 113 -16.25 -17.54 -28.67
CA PRO D 113 -17.26 -18.31 -29.41
C PRO D 113 -16.67 -19.41 -30.29
N GLN D 114 -15.55 -19.14 -30.96
CA GLN D 114 -14.85 -20.13 -31.78
C GLN D 114 -14.27 -21.26 -30.93
N SER D 115 -14.03 -20.99 -29.66
CA SER D 115 -13.51 -21.96 -28.68
C SER D 115 -12.09 -22.42 -29.00
N ASN D 116 -11.34 -21.62 -29.76
CA ASN D 116 -9.90 -21.81 -29.91
C ASN D 116 -9.09 -21.00 -28.91
N LEU D 117 -9.72 -20.04 -28.23
CA LEU D 117 -9.03 -19.19 -27.27
C LEU D 117 -9.72 -19.28 -25.92
N ILE D 118 -8.94 -19.11 -24.87
CA ILE D 118 -9.45 -18.93 -23.52
C ILE D 118 -8.94 -17.58 -23.03
N VAL D 119 -9.80 -16.84 -22.31
CA VAL D 119 -9.41 -15.61 -21.62
C VAL D 119 -9.53 -15.86 -20.13
N SER D 120 -8.62 -15.27 -19.35
CA SER D 120 -8.57 -15.48 -17.91
C SER D 120 -8.15 -14.17 -17.23
N GLY D 121 -8.62 -14.00 -16.00
CA GLY D 121 -8.23 -12.85 -15.20
C GLY D 121 -7.93 -13.27 -13.77
N SER D 122 -6.97 -12.58 -13.17
CA SER D 122 -6.37 -13.06 -11.94
C SER D 122 -6.24 -11.94 -10.91
N PHE D 123 -6.13 -12.34 -9.64
CA PHE D 123 -5.70 -11.42 -8.57
C PHE D 123 -4.44 -10.67 -8.95
N ASP D 124 -3.63 -11.22 -9.85
CA ASP D 124 -2.36 -10.59 -10.20
C ASP D 124 -2.52 -9.40 -11.14
N GLU D 125 -3.76 -8.94 -11.39
CA GLU D 125 -4.08 -7.72 -12.13
C GLU D 125 -3.92 -7.88 -13.64
N SER D 126 -3.58 -9.07 -14.13
CA SER D 126 -3.42 -9.30 -15.56
C SER D 126 -4.64 -10.03 -16.12
N VAL D 127 -4.81 -9.88 -17.43
CA VAL D 127 -5.73 -10.67 -18.23
C VAL D 127 -4.87 -11.43 -19.24
N ARG D 128 -5.08 -12.75 -19.34
CA ARG D 128 -4.28 -13.54 -20.27
C ARG D 128 -5.17 -14.23 -21.29
N ILE D 129 -4.66 -14.33 -22.52
CA ILE D 129 -5.32 -15.00 -23.62
C ILE D 129 -4.51 -16.25 -23.97
N TRP D 130 -5.17 -17.39 -24.02
CA TRP D 130 -4.50 -18.67 -24.14
C TRP D 130 -4.96 -19.42 -25.40
N ASP D 131 -4.06 -20.23 -25.96
CA ASP D 131 -4.43 -21.06 -27.10
C ASP D 131 -4.95 -22.38 -26.58
N VAL D 132 -6.18 -22.73 -26.95
CA VAL D 132 -6.80 -23.93 -26.39
C VAL D 132 -6.02 -25.17 -26.81
N LYS D 133 -5.61 -25.23 -28.07
CA LYS D 133 -4.93 -26.43 -28.59
C LYS D 133 -3.56 -26.61 -27.96
N THR D 134 -2.74 -25.56 -27.92
CA THR D 134 -1.39 -25.67 -27.39
C THR D 134 -1.34 -25.60 -25.87
N GLY D 135 -2.28 -24.87 -25.26
CA GLY D 135 -2.14 -24.52 -23.86
C GLY D 135 -1.18 -23.39 -23.59
N LYS D 136 -0.67 -22.73 -24.63
CA LYS D 136 0.30 -21.66 -24.48
C LYS D 136 -0.39 -20.31 -24.31
N CYS D 137 0.23 -19.45 -23.50
CA CYS D 137 -0.24 -18.09 -23.33
C CYS D 137 0.15 -17.26 -24.54
N LEU D 138 -0.85 -16.75 -25.26
CA LEU D 138 -0.60 -15.92 -26.43
C LEU D 138 -0.36 -14.46 -26.08
N LYS D 139 -1.03 -13.93 -25.06
CA LYS D 139 -0.94 -12.53 -24.67
C LYS D 139 -1.16 -12.40 -23.19
N THR D 140 -0.35 -11.55 -22.56
CA THR D 140 -0.57 -11.12 -21.18
C THR D 140 -0.86 -9.63 -21.23
N LEU D 141 -2.11 -9.25 -20.96
CA LEU D 141 -2.48 -7.84 -20.98
C LEU D 141 -2.24 -7.23 -19.60
N PRO D 142 -1.47 -6.15 -19.49
CA PRO D 142 -1.39 -5.43 -18.20
C PRO D 142 -2.69 -4.68 -17.96
N ALA D 143 -3.75 -5.41 -17.68
CA ALA D 143 -5.11 -4.92 -17.89
C ALA D 143 -5.56 -3.94 -16.81
N HIS D 144 -5.16 -4.16 -15.57
CA HIS D 144 -5.68 -3.35 -14.48
C HIS D 144 -4.58 -3.13 -13.45
N SER D 145 -4.88 -2.33 -12.43
CA SER D 145 -3.96 -2.11 -11.33
C SER D 145 -4.49 -2.68 -10.02
N ASP D 146 -5.42 -3.63 -10.11
CA ASP D 146 -5.99 -4.30 -8.95
C ASP D 146 -6.59 -5.61 -9.42
N PRO D 147 -7.00 -6.49 -8.52
CA PRO D 147 -7.51 -7.80 -8.95
C PRO D 147 -8.63 -7.70 -9.99
N VAL D 148 -8.57 -8.63 -10.95
CA VAL D 148 -9.53 -8.75 -12.06
C VAL D 148 -10.63 -9.72 -11.61
N SER D 149 -11.88 -9.27 -11.64
CA SER D 149 -12.99 -10.06 -11.10
C SER D 149 -13.79 -10.83 -12.14
N ALA D 150 -13.66 -10.48 -13.42
CA ALA D 150 -14.44 -11.08 -14.49
C ALA D 150 -13.82 -10.77 -15.85
N VAL D 151 -13.93 -11.73 -16.77
CA VAL D 151 -13.50 -11.56 -18.16
C VAL D 151 -14.57 -12.20 -19.05
N HIS D 152 -14.83 -11.60 -20.22
CA HIS D 152 -15.89 -12.11 -21.09
C HIS D 152 -15.63 -11.67 -22.52
N PHE D 153 -15.73 -12.61 -23.48
CA PHE D 153 -15.73 -12.34 -24.92
C PHE D 153 -17.12 -11.92 -25.38
N ASN D 154 -17.18 -11.00 -26.34
CA ASN D 154 -18.45 -10.68 -26.96
C ASN D 154 -18.86 -11.77 -27.95
N ARG D 155 -19.95 -11.50 -28.67
CA ARG D 155 -20.66 -12.54 -29.43
C ARG D 155 -19.84 -13.10 -30.59
N ASP D 156 -18.94 -12.31 -31.19
CA ASP D 156 -18.12 -12.82 -32.29
C ASP D 156 -16.66 -12.97 -31.89
N GLY D 157 -16.33 -12.84 -30.62
CA GLY D 157 -14.98 -13.05 -30.18
C GLY D 157 -14.03 -11.91 -30.46
N SER D 158 -14.50 -10.82 -31.07
CA SER D 158 -13.57 -9.75 -31.44
C SER D 158 -13.19 -8.85 -30.26
N LEU D 159 -13.96 -8.87 -29.16
CA LEU D 159 -13.71 -8.00 -28.00
C LEU D 159 -13.74 -8.81 -26.71
N ILE D 160 -12.94 -8.35 -25.75
CA ILE D 160 -12.92 -8.87 -24.38
C ILE D 160 -13.28 -7.73 -23.45
N VAL D 161 -14.21 -7.96 -22.53
CA VAL D 161 -14.47 -7.01 -21.45
C VAL D 161 -13.92 -7.62 -20.16
N SER D 162 -13.25 -6.76 -19.36
CA SER D 162 -12.73 -7.14 -18.06
C SER D 162 -13.22 -6.15 -17.01
N SER D 163 -13.30 -6.62 -15.77
CA SER D 163 -13.64 -5.78 -14.61
C SER D 163 -12.64 -6.00 -13.50
N SER D 164 -12.47 -4.98 -12.66
CA SER D 164 -11.40 -5.01 -11.66
C SER D 164 -11.78 -4.22 -10.42
N TYR D 165 -11.17 -4.61 -9.30
CA TYR D 165 -11.28 -3.83 -8.07
C TYR D 165 -10.73 -2.41 -8.23
N ASP D 166 -9.94 -2.13 -9.28
CA ASP D 166 -9.50 -0.74 -9.49
C ASP D 166 -10.63 0.18 -9.93
N GLY D 167 -11.85 -0.33 -10.15
CA GLY D 167 -12.98 0.51 -10.48
C GLY D 167 -13.32 0.58 -11.95
N LEU D 168 -12.46 0.05 -12.83
CA LEU D 168 -12.62 0.16 -14.27
C LEU D 168 -13.25 -1.09 -14.87
N CYS D 169 -14.02 -0.89 -15.94
CA CYS D 169 -14.23 -1.91 -16.97
C CYS D 169 -13.44 -1.49 -18.20
N ARG D 170 -12.74 -2.44 -18.81
CA ARG D 170 -12.00 -2.16 -20.02
C ARG D 170 -12.39 -3.15 -21.10
N ILE D 171 -12.50 -2.65 -22.33
CA ILE D 171 -12.83 -3.45 -23.49
C ILE D 171 -11.57 -3.56 -24.34
N TRP D 172 -11.22 -4.78 -24.72
CA TRP D 172 -9.95 -5.05 -25.38
C TRP D 172 -10.19 -5.64 -26.76
N ASP D 173 -9.35 -5.25 -27.73
CA ASP D 173 -9.37 -5.93 -29.02
C ASP D 173 -8.65 -7.27 -28.90
N THR D 174 -9.38 -8.36 -29.13
CA THR D 174 -8.80 -9.70 -28.97
C THR D 174 -7.53 -9.88 -29.79
N ALA D 175 -7.55 -9.46 -31.05
CA ALA D 175 -6.45 -9.77 -31.96
C ALA D 175 -5.20 -8.98 -31.60
N SER D 176 -5.35 -7.68 -31.34
CA SER D 176 -4.20 -6.82 -31.08
C SER D 176 -3.84 -6.72 -29.61
N GLY D 177 -4.77 -7.01 -28.71
CA GLY D 177 -4.52 -6.76 -27.30
C GLY D 177 -4.69 -5.31 -26.89
N GLN D 178 -5.18 -4.46 -27.78
CA GLN D 178 -5.25 -3.03 -27.48
C GLN D 178 -6.49 -2.72 -26.66
N CYS D 179 -6.34 -1.86 -25.66
CA CYS D 179 -7.49 -1.36 -24.90
C CYS D 179 -8.26 -0.35 -25.75
N LEU D 180 -9.46 -0.71 -26.16
CA LEU D 180 -10.23 0.21 -27.00
C LEU D 180 -11.04 1.20 -26.19
N LYS D 181 -11.49 0.81 -25.00
CA LYS D 181 -12.34 1.69 -24.22
C LYS D 181 -12.25 1.31 -22.74
N THR D 182 -12.13 2.34 -21.90
CA THR D 182 -12.26 2.22 -20.46
C THR D 182 -13.57 2.89 -20.05
N LEU D 183 -14.44 2.12 -19.41
CA LEU D 183 -15.67 2.67 -18.85
C LEU D 183 -15.35 3.28 -17.49
N ILE D 184 -15.49 4.60 -17.39
CA ILE D 184 -15.13 5.31 -16.17
C ILE D 184 -16.25 6.29 -15.85
N ASP D 185 -16.53 6.42 -14.56
CA ASP D 185 -17.51 7.33 -14.01
C ASP D 185 -16.87 8.09 -12.85
N ASP D 186 -17.52 9.16 -12.38
CA ASP D 186 -16.97 9.95 -11.28
C ASP D 186 -16.73 9.10 -10.03
N ASP D 187 -17.72 8.29 -9.66
CA ASP D 187 -17.57 7.34 -8.56
C ASP D 187 -17.07 6.01 -9.12
N ASN D 188 -16.04 5.44 -8.47
CA ASN D 188 -15.39 4.22 -8.91
C ASN D 188 -15.24 3.20 -7.79
N PRO D 189 -16.34 2.63 -7.31
CA PRO D 189 -16.24 1.47 -6.42
C PRO D 189 -15.71 0.24 -7.16
N PRO D 190 -15.21 -0.75 -6.44
CA PRO D 190 -14.72 -1.97 -7.11
C PRO D 190 -15.78 -2.58 -8.02
N VAL D 191 -15.37 -2.92 -9.25
CA VAL D 191 -16.26 -3.62 -10.17
C VAL D 191 -16.09 -5.12 -9.95
N SER D 192 -17.19 -5.79 -9.55
CA SER D 192 -17.11 -7.17 -9.10
C SER D 192 -17.54 -8.19 -10.15
N PHE D 193 -18.07 -7.73 -11.28
CA PHE D 193 -18.58 -8.61 -12.32
C PHE D 193 -18.89 -7.78 -13.55
N VAL D 194 -18.68 -8.39 -14.72
CA VAL D 194 -19.00 -7.74 -15.99
C VAL D 194 -19.30 -8.81 -17.04
N LYS D 195 -20.19 -8.48 -17.97
CA LYS D 195 -20.60 -9.39 -19.04
C LYS D 195 -21.14 -8.56 -20.20
N PHE D 196 -20.79 -8.94 -21.44
CA PHE D 196 -21.48 -8.41 -22.61
C PHE D 196 -22.91 -8.94 -22.66
N SER D 197 -23.85 -8.08 -23.07
CA SER D 197 -25.19 -8.55 -23.44
C SER D 197 -25.09 -9.51 -24.64
N PRO D 198 -26.13 -10.32 -24.88
CA PRO D 198 -26.00 -11.32 -25.94
C PRO D 198 -25.77 -10.74 -27.33
N ASN D 199 -26.24 -9.52 -27.60
CA ASN D 199 -25.94 -8.92 -28.91
C ASN D 199 -24.66 -8.10 -28.89
N GLY D 200 -23.94 -8.06 -27.77
CA GLY D 200 -22.68 -7.39 -27.71
C GLY D 200 -22.74 -5.88 -27.70
N LYS D 201 -23.93 -5.28 -27.69
CA LYS D 201 -23.96 -3.82 -27.70
C LYS D 201 -23.89 -3.21 -26.30
N TYR D 202 -24.21 -3.99 -25.26
CA TYR D 202 -24.32 -3.48 -23.90
C TYR D 202 -23.48 -4.34 -22.96
N ILE D 203 -23.20 -3.79 -21.79
CA ILE D 203 -22.32 -4.43 -20.81
C ILE D 203 -22.99 -4.31 -19.44
N LEU D 204 -23.18 -5.45 -18.77
CA LEU D 204 -23.76 -5.49 -17.43
C LEU D 204 -22.62 -5.60 -16.42
N ALA D 205 -22.56 -4.65 -15.49
CA ALA D 205 -21.47 -4.51 -14.54
C ALA D 205 -22.04 -4.42 -13.13
N ALA D 206 -21.49 -5.22 -12.22
CA ALA D 206 -21.83 -5.19 -10.81
C ALA D 206 -20.72 -4.47 -10.07
N THR D 207 -21.10 -3.64 -9.10
CA THR D 207 -20.15 -2.94 -8.25
C THR D 207 -20.46 -3.23 -6.79
N LEU D 208 -19.43 -3.17 -5.95
CA LEU D 208 -19.59 -3.54 -4.54
C LEU D 208 -20.23 -2.43 -3.72
N ASP D 209 -21.29 -1.84 -4.25
CA ASP D 209 -22.16 -0.88 -3.58
C ASP D 209 -23.61 -1.23 -3.86
N ASN D 210 -23.94 -2.52 -3.87
CA ASN D 210 -25.32 -2.99 -4.01
C ASN D 210 -25.97 -2.47 -5.30
N THR D 211 -25.18 -2.39 -6.37
CA THR D 211 -25.64 -1.84 -7.65
C THR D 211 -25.19 -2.72 -8.81
N LEU D 212 -26.11 -2.97 -9.74
CA LEU D 212 -25.83 -3.46 -11.08
C LEU D 212 -26.13 -2.35 -12.08
N LYS D 213 -25.33 -2.25 -13.13
CA LYS D 213 -25.48 -1.19 -14.13
C LYS D 213 -25.41 -1.77 -15.54
N LEU D 214 -26.26 -1.24 -16.44
CA LEU D 214 -26.25 -1.60 -17.86
C LEU D 214 -25.64 -0.46 -18.67
N TRP D 215 -24.45 -0.69 -19.22
CA TRP D 215 -23.71 0.33 -19.95
C TRP D 215 -23.96 0.20 -21.45
N ASP D 216 -24.03 1.33 -22.14
CA ASP D 216 -24.07 1.34 -23.60
C ASP D 216 -22.63 1.33 -24.10
N TYR D 217 -22.23 0.27 -24.81
CA TYR D 217 -20.81 0.15 -25.15
C TYR D 217 -20.37 1.26 -26.12
N SER D 218 -21.15 1.49 -27.18
CA SER D 218 -20.75 2.49 -28.18
C SER D 218 -20.67 3.90 -27.57
N LYS D 219 -21.71 4.30 -26.82
CA LYS D 219 -21.72 5.62 -26.21
C LYS D 219 -20.85 5.72 -24.97
N GLY D 220 -20.53 4.59 -24.34
CA GLY D 220 -19.74 4.58 -23.11
C GLY D 220 -20.44 5.21 -21.93
N LYS D 221 -21.75 5.03 -21.81
CA LYS D 221 -22.55 5.70 -20.80
C LYS D 221 -23.55 4.72 -20.21
N CYS D 222 -23.88 4.93 -18.93
CA CYS D 222 -24.77 4.04 -18.21
C CYS D 222 -26.23 4.35 -18.51
N LEU D 223 -27.01 3.32 -18.82
CA LEU D 223 -28.40 3.46 -19.21
C LEU D 223 -29.41 3.04 -18.17
N LYS D 224 -29.08 2.07 -17.33
CA LYS D 224 -30.01 1.53 -16.34
C LYS D 224 -29.23 1.11 -15.12
N THR D 225 -29.86 1.18 -13.95
CA THR D 225 -29.30 0.63 -12.72
C THR D 225 -30.36 -0.25 -12.06
N TYR D 226 -29.89 -1.30 -11.37
CA TYR D 226 -30.77 -2.22 -10.67
C TYR D 226 -30.30 -2.29 -9.22
N THR D 227 -31.21 -2.04 -8.27
CA THR D 227 -30.84 -1.97 -6.87
C THR D 227 -31.88 -2.73 -6.04
N GLY D 228 -31.65 -2.73 -4.71
CA GLY D 228 -32.53 -3.40 -3.78
C GLY D 228 -31.96 -4.67 -3.18
N HIS D 229 -30.93 -5.23 -3.79
CA HIS D 229 -30.30 -6.44 -3.30
C HIS D 229 -29.11 -6.04 -2.43
N LYS D 230 -28.37 -7.02 -1.90
CA LYS D 230 -27.22 -6.73 -1.06
C LYS D 230 -25.96 -7.28 -1.71
N ASN D 231 -24.99 -6.41 -1.94
CA ASN D 231 -23.75 -6.83 -2.58
C ASN D 231 -22.65 -5.82 -2.24
N GLU D 232 -21.92 -6.09 -1.16
CA GLU D 232 -20.77 -5.28 -0.76
C GLU D 232 -19.51 -6.08 -0.51
N LYS D 233 -19.55 -7.40 -0.54
CA LYS D 233 -18.43 -8.25 -0.15
C LYS D 233 -17.97 -9.20 -1.24
N TYR D 234 -18.89 -9.94 -1.85
CA TYR D 234 -18.54 -11.02 -2.77
C TYR D 234 -18.78 -10.59 -4.21
N CYS D 235 -18.02 -11.19 -5.12
CA CYS D 235 -18.17 -10.94 -6.56
C CYS D 235 -19.24 -11.89 -7.06
N ILE D 236 -20.47 -11.39 -7.11
CA ILE D 236 -21.66 -12.19 -7.42
C ILE D 236 -21.88 -12.16 -8.92
N PHE D 237 -22.18 -13.33 -9.49
CA PHE D 237 -22.38 -13.47 -10.93
C PHE D 237 -23.81 -13.14 -11.31
N ALA D 238 -23.99 -12.36 -12.35
CA ALA D 238 -25.30 -11.93 -12.81
C ALA D 238 -25.49 -12.35 -14.26
N ASN D 239 -26.74 -12.26 -14.72
CA ASN D 239 -27.10 -12.79 -16.03
C ASN D 239 -28.24 -11.99 -16.63
N PHE D 240 -28.30 -12.03 -17.96
CA PHE D 240 -29.50 -11.72 -18.72
C PHE D 240 -30.33 -12.99 -18.84
N SER D 241 -31.61 -12.93 -18.47
CA SER D 241 -32.56 -14.00 -18.75
C SER D 241 -33.30 -13.61 -20.03
N VAL D 242 -33.21 -14.46 -21.07
CA VAL D 242 -33.76 -14.11 -22.38
C VAL D 242 -34.74 -15.14 -22.92
N THR D 243 -35.04 -16.21 -22.20
CA THR D 243 -35.87 -17.27 -22.78
C THR D 243 -37.36 -16.97 -22.67
N GLY D 244 -37.79 -16.25 -21.63
CA GLY D 244 -39.16 -15.80 -21.49
C GLY D 244 -39.22 -14.28 -21.45
N GLY D 245 -39.66 -13.69 -20.35
CA GLY D 245 -39.52 -12.26 -20.21
C GLY D 245 -38.06 -11.83 -20.12
N LYS D 246 -37.83 -10.53 -20.28
CA LYS D 246 -36.47 -10.00 -20.30
C LYS D 246 -36.11 -9.56 -18.89
N TRP D 247 -35.36 -10.41 -18.19
CA TRP D 247 -34.98 -10.15 -16.81
C TRP D 247 -33.48 -9.96 -16.68
N ILE D 248 -33.10 -9.32 -15.57
CA ILE D 248 -31.75 -9.38 -15.03
C ILE D 248 -31.82 -10.28 -13.80
N VAL D 249 -30.87 -11.20 -13.67
CA VAL D 249 -30.81 -12.14 -12.57
C VAL D 249 -29.48 -11.99 -11.85
N SER D 250 -29.53 -12.03 -10.52
CA SER D 250 -28.31 -11.91 -9.72
C SER D 250 -28.53 -12.58 -8.36
N GLY D 251 -27.42 -13.01 -7.76
CA GLY D 251 -27.44 -13.45 -6.38
C GLY D 251 -27.37 -12.26 -5.45
N SER D 252 -27.30 -12.55 -4.15
CA SER D 252 -27.40 -11.48 -3.17
C SER D 252 -26.88 -11.95 -1.81
N GLU D 253 -26.32 -11.01 -1.05
CA GLU D 253 -25.78 -11.34 0.27
C GLU D 253 -26.85 -11.45 1.36
N ASP D 254 -28.14 -11.37 1.02
CA ASP D 254 -29.22 -11.72 1.94
C ASP D 254 -29.81 -13.10 1.64
N ASN D 255 -29.06 -13.94 0.90
CA ASN D 255 -29.37 -15.35 0.63
C ASN D 255 -30.49 -15.53 -0.37
N LEU D 256 -30.78 -14.51 -1.18
CA LEU D 256 -31.85 -14.57 -2.16
C LEU D 256 -31.30 -14.47 -3.59
N VAL D 257 -32.03 -15.08 -4.54
CA VAL D 257 -31.89 -14.74 -5.95
C VAL D 257 -32.84 -13.59 -6.28
N TYR D 258 -32.32 -12.53 -6.89
CA TYR D 258 -33.10 -11.37 -7.31
C TYR D 258 -33.32 -11.40 -8.82
N ILE D 259 -34.54 -11.05 -9.22
CA ILE D 259 -34.95 -10.97 -10.63
C ILE D 259 -35.61 -9.61 -10.86
N TRP D 260 -35.07 -8.84 -11.79
CA TRP D 260 -35.57 -7.51 -12.13
C TRP D 260 -36.17 -7.53 -13.52
N ASN D 261 -37.12 -6.61 -13.76
CA ASN D 261 -37.55 -6.31 -15.11
C ASN D 261 -36.47 -5.47 -15.79
N LEU D 262 -35.92 -5.97 -16.90
CA LEU D 262 -34.76 -5.32 -17.52
C LEU D 262 -35.07 -3.89 -17.95
N GLN D 263 -36.28 -3.66 -18.47
CA GLN D 263 -36.63 -2.35 -19.01
C GLN D 263 -37.01 -1.36 -17.92
N THR D 264 -37.92 -1.78 -17.03
CA THR D 264 -38.45 -0.87 -16.02
C THR D 264 -37.54 -0.73 -14.81
N LYS D 265 -36.80 -1.79 -14.47
CA LYS D 265 -35.77 -1.87 -13.42
C LYS D 265 -36.39 -2.21 -12.06
N GLU D 266 -37.63 -2.68 -12.03
CA GLU D 266 -38.27 -3.04 -10.78
C GLU D 266 -38.03 -4.50 -10.49
N ILE D 267 -37.90 -4.82 -9.21
CA ILE D 267 -37.79 -6.21 -8.82
C ILE D 267 -39.11 -6.90 -9.13
N VAL D 268 -39.05 -8.07 -9.75
CA VAL D 268 -40.25 -8.83 -10.07
C VAL D 268 -40.32 -10.13 -9.32
N GLN D 269 -39.22 -10.60 -8.74
CA GLN D 269 -39.29 -11.80 -7.94
C GLN D 269 -38.03 -11.89 -7.10
N LYS D 270 -38.16 -12.58 -5.97
CA LYS D 270 -37.04 -12.91 -5.11
C LYS D 270 -37.20 -14.36 -4.70
N LEU D 271 -36.16 -15.16 -4.88
CA LEU D 271 -36.22 -16.60 -4.62
C LEU D 271 -35.54 -16.90 -3.29
N GLN D 272 -36.29 -17.49 -2.37
CA GLN D 272 -35.82 -17.85 -1.03
C GLN D 272 -35.61 -19.35 -0.94
N GLY D 273 -34.51 -19.76 -0.33
CA GLY D 273 -34.25 -21.19 -0.20
C GLY D 273 -32.84 -21.50 0.27
N HIS D 274 -31.86 -20.73 -0.20
CA HIS D 274 -30.47 -20.96 0.17
C HIS D 274 -30.22 -20.54 1.61
N THR D 275 -29.18 -21.13 2.21
CA THR D 275 -28.84 -20.86 3.60
C THR D 275 -27.53 -20.11 3.75
N ASP D 276 -27.05 -19.49 2.67
CA ASP D 276 -25.88 -18.63 2.71
C ASP D 276 -25.93 -17.71 1.48
N VAL D 277 -24.97 -16.80 1.40
CA VAL D 277 -24.85 -15.86 0.29
C VAL D 277 -25.00 -16.58 -1.05
N VAL D 278 -25.83 -16.07 -1.94
CA VAL D 278 -25.97 -16.65 -3.29
C VAL D 278 -24.95 -15.94 -4.18
N ILE D 279 -23.85 -16.62 -4.49
CA ILE D 279 -22.74 -15.98 -5.18
C ILE D 279 -22.73 -16.26 -6.69
N SER D 280 -23.51 -17.22 -7.18
CA SER D 280 -23.55 -17.55 -8.59
C SER D 280 -24.98 -17.84 -9.02
N THR D 281 -25.37 -17.29 -10.18
CA THR D 281 -26.61 -17.65 -10.85
C THR D 281 -26.31 -17.94 -12.32
N ALA D 282 -27.17 -18.75 -12.94
CA ALA D 282 -27.06 -19.09 -14.36
C ALA D 282 -28.46 -19.28 -14.94
N CYS D 283 -28.62 -18.95 -16.22
CA CYS D 283 -29.91 -19.02 -16.90
C CYS D 283 -29.82 -20.02 -18.04
N HIS D 284 -30.76 -20.95 -18.09
CA HIS D 284 -30.73 -21.99 -19.10
C HIS D 284 -30.81 -21.38 -20.51
N PRO D 285 -30.11 -21.96 -21.51
CA PRO D 285 -30.14 -21.34 -22.85
C PRO D 285 -31.50 -21.40 -23.54
N THR D 286 -32.37 -22.35 -23.21
CA THR D 286 -33.62 -22.47 -23.97
C THR D 286 -34.86 -22.50 -23.07
N GLU D 287 -34.76 -23.04 -21.87
CA GLU D 287 -35.90 -23.11 -20.95
C GLU D 287 -35.79 -22.03 -19.89
N ASN D 288 -36.93 -21.72 -19.26
CA ASN D 288 -36.98 -20.76 -18.16
C ASN D 288 -36.53 -21.46 -16.87
N ILE D 289 -35.23 -21.72 -16.80
CA ILE D 289 -34.62 -22.44 -15.69
C ILE D 289 -33.45 -21.61 -15.16
N ILE D 290 -33.41 -21.42 -13.85
CA ILE D 290 -32.31 -20.74 -13.17
C ILE D 290 -31.55 -21.76 -12.31
N ALA D 291 -30.23 -21.76 -12.41
CA ALA D 291 -29.37 -22.40 -11.43
C ALA D 291 -28.75 -21.35 -10.51
N SER D 292 -28.66 -21.68 -9.22
CA SER D 292 -28.08 -20.79 -8.21
C SER D 292 -27.24 -21.61 -7.24
N ALA D 293 -26.16 -20.99 -6.74
CA ALA D 293 -25.16 -21.67 -5.91
C ALA D 293 -24.78 -20.77 -4.73
N ALA D 294 -24.54 -21.37 -3.55
CA ALA D 294 -24.36 -20.58 -2.33
C ALA D 294 -23.10 -20.99 -1.57
N LEU D 295 -22.71 -20.16 -0.61
CA LEU D 295 -21.40 -20.31 0.05
C LEU D 295 -21.40 -21.38 1.15
N GLU D 296 -20.42 -21.26 2.06
CA GLU D 296 -20.01 -22.35 2.93
C GLU D 296 -21.12 -22.83 3.88
N ASN D 297 -22.05 -21.97 4.28
CA ASN D 297 -23.12 -22.43 5.16
C ASN D 297 -24.26 -23.10 4.40
N ASP D 298 -24.08 -23.38 3.11
CA ASP D 298 -25.13 -23.94 2.28
C ASP D 298 -24.60 -25.09 1.44
N LYS D 299 -23.63 -24.80 0.57
CA LYS D 299 -22.88 -25.80 -0.21
C LYS D 299 -23.71 -26.49 -1.28
N THR D 300 -24.88 -25.97 -1.64
CA THR D 300 -25.71 -26.65 -2.62
C THR D 300 -25.97 -25.74 -3.81
N ILE D 301 -26.40 -26.37 -4.90
CA ILE D 301 -26.95 -25.73 -6.09
C ILE D 301 -28.45 -25.94 -6.07
N LYS D 302 -29.22 -24.95 -6.49
CA LYS D 302 -30.67 -25.12 -6.61
C LYS D 302 -31.12 -24.78 -8.02
N LEU D 303 -32.10 -25.55 -8.50
CA LEU D 303 -32.69 -25.36 -9.82
C LEU D 303 -34.14 -24.94 -9.66
N TRP D 304 -34.48 -23.82 -10.30
CA TRP D 304 -35.79 -23.19 -10.23
C TRP D 304 -36.37 -23.06 -11.64
N LYS D 305 -37.69 -23.24 -11.77
CA LYS D 305 -38.32 -23.19 -13.09
C LYS D 305 -39.53 -22.27 -13.05
N SER D 306 -39.73 -21.56 -14.16
CA SER D 306 -40.81 -20.59 -14.28
C SER D 306 -41.64 -20.94 -15.51
N ASP D 307 -42.88 -20.48 -15.52
CA ASP D 307 -43.72 -20.63 -16.70
C ASP D 307 -43.49 -19.53 -17.72
N CYS D 308 -42.80 -18.46 -17.34
CA CYS D 308 -42.44 -17.40 -18.29
C CYS D 308 -41.18 -16.68 -17.83
C1 GOL E . -0.47 -11.69 -2.81
O1 GOL E . -0.44 -10.31 -2.54
C2 GOL E . -1.43 -12.39 -1.82
O2 GOL E . -2.59 -11.68 -1.69
C3 GOL E . -1.68 -13.83 -2.39
O3 GOL E . -1.30 -14.80 -1.46
N X6M F . -17.13 -16.00 -9.83
C X6M F . -17.93 -17.02 -10.50
O X6M F . -12.26 -21.47 -3.37
C1 X6M F . -16.92 -16.31 -8.38
C10 X6M F . -13.69 -17.84 -4.54
C11 X6M F . -12.37 -18.17 -4.58
C12 X6M F . -12.75 -20.36 -3.65
C13 X6M F . -14.14 -20.02 -3.59
C14 X6M F . -14.61 -18.82 -3.99
C15 X6M F . -16.06 -18.53 -3.87
C16 X6M F . -12.60 -13.84 -5.62
C17 X6M F . -12.42 -12.50 -5.93
C18 X6M F . -11.65 -11.62 -5.01
C19 X6M F . -11.60 -11.93 -3.64
C2 X6M F . -18.23 -16.51 -7.65
C20 X6M F . -10.84 -11.18 -2.77
C21 X6M F . -10.70 -11.62 -1.34
C22 X6M F . -10.53 -11.00 1.00
C23 X6M F . -9.17 -10.85 1.64
C24 X6M F . -6.76 -10.63 1.24
C25 X6M F . -5.94 -11.92 0.94
C26 X6M F . -6.16 -12.34 -0.52
C27 X6M F . -6.41 -13.06 1.85
C28 X6M F . -4.44 -11.71 1.17
C29 X6M F . -6.23 -9.38 0.53
C3 X6M F . -16.05 -15.27 -7.68
C30 X6M F . -5.05 -7.26 0.57
C31 X6M F . -4.31 -7.52 -0.72
C32 X6M F . -3.74 -6.65 -2.96
C33 X6M F . -4.67 -6.31 -4.12
C34 X6M F . -2.56 -5.70 -2.89
C35 X6M F . -2.51 -4.67 -1.96
C36 X6M F . -1.46 -3.78 -1.95
C37 X6M F . -0.42 -3.90 -2.88
C38 X6M F . 0.71 -2.93 -2.88
C39 X6M F . 1.36 -2.31 -3.91
C4 X6M F . -15.86 -15.71 -10.50
C40 X6M F . 1.06 -2.45 -5.37
C41 X6M F . 2.51 -1.45 -2.24
C42 X6M F . -0.47 -4.93 -3.80
C43 X6M F . -1.52 -5.82 -3.80
C44 X6M F . -4.12 -6.63 1.61
C45 X6M F . -4.63 -7.15 2.94
C46 X6M F . -5.03 -8.58 2.62
C47 X6M F . -10.14 -10.07 -3.23
C48 X6M F . -10.18 -9.73 -4.58
C49 X6M F . -10.92 -10.51 -5.43
C5 X6M F . -16.08 -15.34 -11.96
C50 X6M F . -12.99 -12.01 -7.10
C51 X6M F . -13.73 -12.83 -7.94
C6 X6M F . -15.04 -14.65 -9.78
C7 X6M F . -13.94 -14.16 -7.62
C8 X6M F . -13.34 -14.67 -6.45
C9 X6M F . -14.03 -16.44 -4.95
F X6M F . -16.78 -19.60 -3.62
F1 X6M F . -16.32 -17.64 -2.89
F2 X6M F . -16.57 -18.00 -4.96
F3 X6M F . -10.89 -10.20 -6.74
N1 X6M F . -14.80 -14.99 -8.38
N2 X6M F . -13.48 -16.03 -6.12
N3 X6M F . -11.94 -19.38 -4.16
N4 X6M F . -10.58 -10.67 -0.41
N5 X6M F . -8.13 -10.80 0.80
N6 X6M F . -5.50 -8.49 1.23
N7 X6M F . -4.50 -6.62 -1.70
N8 X6M F . 2.38 -1.46 -3.54
O1 X6M F . -14.71 -15.70 -4.23
O2 X6M F . -3.57 -8.49 -0.84
O3 X6M F . -5.80 -6.41 3.33
O4 X6M F . -6.49 -9.21 -0.64
O5 X6M F . -9.04 -10.78 2.87
O6 X6M F . -10.71 -12.81 -1.05
S X6M F . 1.42 -2.44 -1.36
#